data_1LWH
#
_entry.id   1LWH
#
_cell.length_a   92.567
_cell.length_b   180.282
_cell.length_c   199.222
_cell.angle_alpha   90.00
_cell.angle_beta   90.00
_cell.angle_gamma   90.00
#
_symmetry.space_group_name_H-M   'I 2 2 2'
#
loop_
_entity.id
_entity.type
_entity.pdbx_description
1 polymer 4-alpha-glucanotransferase
2 non-polymer 'CALCIUM ION'
3 water water
#
_entity_poly.entity_id   1
_entity_poly.type   'polypeptide(L)'
_entity_poly.pdbx_seq_one_letter_code
;MIGYQIYVRSFRDGNLDGVGDFRGLKNAVSYLKELGIDFVWLMPVFSSISFHGYDVVDFYSFKAEYGSEREFKEMIEAFH
DSGIKVVLDLPIHHTGFLHTWFQKALKGDPHYRDYYVWANKETDLDERREWDGEKIWHPLEDGRFYRGLFGPFSPDLNYD
NPQVFDEMKRLVLHLLDMGVDGFRFDAAKHMRDTIEQNVRFWKYFLSDLKGIFLAEIWAEARMVDEHGRIFGYMLNFDTS
HCIKEAVWKENTRVLIESIERAVIAKDYLPVNFTSNHDMSRLASFEGGFSKEKIKLSISILFTLPGVPLVFYGDELGMKG
VYQKPNTEVVLDPFPWNESMCVEGQTFWKWPAYNGPFSGISVEYQKRDPDSILSHTLGWTRFRKENQWIDRAKLEFLCKE
DKFLVYRLYDDQHSLKVFHNLSGEEVVFEGVKMKPYKTEVV
;
_entity_poly.pdbx_strand_id   A,B
#
loop_
_chem_comp.id
_chem_comp.type
_chem_comp.name
_chem_comp.formula
CA non-polymer 'CALCIUM ION' 'Ca 2'
#
# COMPACT_ATOMS: atom_id res chain seq x y z
N MET A 1 -8.73 -27.52 -17.82
CA MET A 1 -7.91 -26.71 -16.89
C MET A 1 -8.33 -25.26 -17.07
N ILE A 2 -8.54 -24.56 -15.95
CA ILE A 2 -8.94 -23.16 -15.95
C ILE A 2 -8.00 -22.44 -14.97
N GLY A 3 -7.40 -21.33 -15.37
CA GLY A 3 -6.48 -20.65 -14.47
C GLY A 3 -6.93 -19.30 -13.94
N TYR A 4 -6.33 -18.88 -12.82
CA TYR A 4 -6.68 -17.61 -12.17
C TYR A 4 -5.41 -16.97 -11.60
N GLN A 5 -5.03 -15.81 -12.11
CA GLN A 5 -3.83 -15.07 -11.66
C GLN A 5 -4.18 -14.14 -10.51
N ILE A 6 -3.42 -14.21 -9.42
CA ILE A 6 -3.70 -13.39 -8.26
C ILE A 6 -2.53 -12.51 -7.80
N TYR A 7 -2.85 -11.27 -7.43
CA TYR A 7 -1.91 -10.35 -6.83
C TYR A 7 -2.30 -10.57 -5.36
N VAL A 8 -1.51 -11.33 -4.62
CA VAL A 8 -1.86 -11.65 -3.24
C VAL A 8 -2.22 -10.54 -2.28
N ARG A 9 -1.57 -9.39 -2.37
CA ARG A 9 -1.89 -8.31 -1.44
C ARG A 9 -3.32 -7.77 -1.59
N SER A 10 -3.89 -7.90 -2.80
CA SER A 10 -5.23 -7.37 -3.08
C SER A 10 -6.37 -8.36 -3.15
N PHE A 11 -6.12 -9.62 -2.82
CA PHE A 11 -7.18 -10.58 -2.93
C PHE A 11 -7.99 -10.86 -1.65
N ARG A 12 -7.38 -11.54 -0.68
CA ARG A 12 -8.09 -11.91 0.54
C ARG A 12 -7.18 -11.79 1.77
N ASP A 13 -7.65 -11.09 2.80
CA ASP A 13 -6.88 -10.90 4.03
C ASP A 13 -7.30 -11.97 5.04
N GLY A 14 -6.34 -12.64 5.65
CA GLY A 14 -6.71 -13.66 6.60
C GLY A 14 -6.36 -13.36 8.05
N ASN A 15 -5.76 -12.19 8.32
CA ASN A 15 -5.37 -11.82 9.68
C ASN A 15 -5.86 -10.46 10.16
N LEU A 16 -6.75 -9.85 9.38
CA LEU A 16 -7.36 -8.57 9.74
C LEU A 16 -6.51 -7.31 9.72
N ASP A 17 -5.61 -7.18 8.76
CA ASP A 17 -4.82 -5.96 8.71
C ASP A 17 -5.14 -5.21 7.43
N GLY A 18 -6.08 -5.75 6.64
CA GLY A 18 -6.47 -5.11 5.39
C GLY A 18 -5.47 -5.39 4.27
N VAL A 19 -4.44 -6.17 4.58
CA VAL A 19 -3.40 -6.53 3.62
C VAL A 19 -3.52 -8.02 3.24
N GLY A 20 -3.72 -8.28 1.95
CA GLY A 20 -3.86 -9.65 1.48
C GLY A 20 -2.70 -10.52 1.94
N ASP A 21 -2.97 -11.80 2.19
CA ASP A 21 -1.95 -12.71 2.67
C ASP A 21 -2.27 -14.17 2.41
N PHE A 22 -1.36 -15.05 2.84
CA PHE A 22 -1.47 -16.50 2.66
C PHE A 22 -2.65 -17.17 3.33
N ARG A 23 -3.06 -16.66 4.49
CA ARG A 23 -4.20 -17.21 5.22
C ARG A 23 -5.52 -16.85 4.55
N GLY A 24 -5.59 -15.65 4.00
CA GLY A 24 -6.81 -15.24 3.35
C GLY A 24 -7.06 -16.08 2.12
N LEU A 25 -5.99 -16.24 1.35
CA LEU A 25 -5.97 -17.04 0.12
C LEU A 25 -6.61 -18.41 0.46
N LYS A 26 -6.11 -18.99 1.53
CA LYS A 26 -6.55 -20.27 2.08
C LYS A 26 -8.08 -20.26 2.18
N ASN A 27 -8.63 -19.14 2.63
CA ASN A 27 -10.09 -18.99 2.82
C ASN A 27 -10.91 -18.65 1.60
N ALA A 28 -10.26 -18.31 0.48
CA ALA A 28 -11.01 -17.98 -0.73
C ALA A 28 -11.20 -19.21 -1.60
N VAL A 29 -10.83 -20.37 -1.09
CA VAL A 29 -10.98 -21.58 -1.85
C VAL A 29 -12.43 -21.85 -2.30
N SER A 30 -13.42 -21.60 -1.42
CA SER A 30 -14.84 -21.83 -1.76
C SER A 30 -15.17 -21.04 -3.00
N TYR A 31 -14.71 -19.79 -3.01
CA TYR A 31 -14.96 -18.89 -4.12
C TYR A 31 -14.28 -19.35 -5.41
N LEU A 32 -13.00 -19.73 -5.30
CA LEU A 32 -12.23 -20.19 -6.43
C LEU A 32 -12.84 -21.46 -6.97
N LYS A 33 -13.16 -22.36 -6.06
CA LYS A 33 -13.77 -23.64 -6.43
C LYS A 33 -15.13 -23.44 -7.13
N GLU A 34 -15.86 -22.38 -6.75
CA GLU A 34 -17.18 -22.07 -7.33
C GLU A 34 -17.01 -21.46 -8.71
N LEU A 35 -15.93 -20.70 -8.90
CA LEU A 35 -15.63 -20.06 -10.16
C LEU A 35 -14.99 -21.09 -11.11
N GLY A 36 -14.84 -22.31 -10.60
CA GLY A 36 -14.30 -23.43 -11.38
C GLY A 36 -12.81 -23.48 -11.65
N ILE A 37 -12.04 -22.82 -10.80
CA ILE A 37 -10.60 -22.73 -10.96
C ILE A 37 -9.80 -24.00 -10.69
N ASP A 38 -8.90 -24.33 -11.61
CA ASP A 38 -8.04 -25.52 -11.46
C ASP A 38 -6.71 -25.18 -10.82
N PHE A 39 -6.15 -24.03 -11.20
CA PHE A 39 -4.87 -23.60 -10.66
C PHE A 39 -4.80 -22.09 -10.49
N VAL A 40 -3.89 -21.66 -9.64
CA VAL A 40 -3.73 -20.24 -9.41
C VAL A 40 -2.28 -19.85 -9.65
N TRP A 41 -2.13 -18.75 -10.36
CA TRP A 41 -0.85 -18.18 -10.67
C TRP A 41 -0.69 -17.06 -9.63
N LEU A 42 0.26 -17.22 -8.71
CA LEU A 42 0.48 -16.22 -7.68
C LEU A 42 1.66 -15.32 -8.01
N MET A 43 1.39 -14.02 -8.12
CA MET A 43 2.46 -13.08 -8.43
C MET A 43 3.48 -13.20 -7.29
N PRO A 44 4.76 -12.80 -7.53
CA PRO A 44 5.86 -12.88 -6.53
C PRO A 44 5.52 -12.85 -5.06
N VAL A 45 5.79 -13.97 -4.38
CA VAL A 45 5.52 -14.12 -2.95
C VAL A 45 6.80 -14.13 -2.11
N PHE A 46 7.91 -13.71 -2.70
CA PHE A 46 9.19 -13.71 -2.00
C PHE A 46 9.59 -12.33 -1.49
N SER A 47 10.64 -12.30 -0.67
CA SER A 47 11.18 -11.06 -0.12
C SER A 47 11.61 -10.13 -1.24
N SER A 48 11.02 -8.94 -1.22
CA SER A 48 11.26 -7.90 -2.22
C SER A 48 10.78 -6.62 -1.55
N ILE A 49 11.35 -5.46 -1.84
CA ILE A 49 10.86 -4.25 -1.17
C ILE A 49 9.83 -3.46 -2.00
N SER A 50 9.50 -3.99 -3.18
CA SER A 50 8.52 -3.33 -4.03
C SER A 50 7.17 -3.96 -3.77
N PHE A 51 6.10 -3.22 -4.04
CA PHE A 51 4.77 -3.74 -3.81
C PHE A 51 4.45 -4.90 -4.75
N HIS A 52 5.14 -4.97 -5.88
CA HIS A 52 4.89 -6.04 -6.84
C HIS A 52 5.81 -7.23 -6.62
N GLY A 53 7.05 -6.95 -6.26
CA GLY A 53 8.00 -8.00 -5.94
C GLY A 53 8.74 -8.73 -7.03
N TYR A 54 8.87 -8.15 -8.20
CA TYR A 54 9.57 -8.80 -9.30
C TYR A 54 11.12 -8.71 -9.19
N ASP A 55 11.58 -7.99 -8.17
CA ASP A 55 13.02 -7.83 -7.87
C ASP A 55 13.24 -8.50 -6.49
N VAL A 56 13.57 -9.79 -6.54
CA VAL A 56 13.73 -10.55 -5.31
C VAL A 56 15.08 -10.37 -4.61
N VAL A 57 15.02 -10.19 -3.29
CA VAL A 57 16.21 -10.01 -2.50
C VAL A 57 16.61 -11.33 -1.83
N ASP A 58 15.74 -12.34 -1.87
CA ASP A 58 16.00 -13.66 -1.27
C ASP A 58 14.89 -14.64 -1.63
N PHE A 59 15.16 -15.60 -2.53
CA PHE A 59 14.13 -16.58 -2.91
C PHE A 59 13.85 -17.62 -1.83
N TYR A 60 14.65 -17.59 -0.78
CA TYR A 60 14.51 -18.53 0.30
C TYR A 60 13.74 -18.03 1.46
N SER A 61 12.92 -17.01 1.23
CA SER A 61 12.10 -16.47 2.28
C SER A 61 10.97 -15.71 1.60
N PHE A 62 9.78 -15.73 2.20
CA PHE A 62 8.61 -15.08 1.64
C PHE A 62 8.33 -13.67 2.19
N LYS A 63 7.58 -12.88 1.42
CA LYS A 63 7.18 -11.52 1.83
C LYS A 63 6.47 -11.53 3.18
N ALA A 64 7.12 -11.03 4.21
CA ALA A 64 6.56 -11.00 5.56
C ALA A 64 5.10 -10.53 5.64
N GLU A 65 4.72 -9.51 4.87
CA GLU A 65 3.34 -9.04 4.87
C GLU A 65 2.32 -10.11 4.44
N TYR A 66 2.79 -11.14 3.74
CA TYR A 66 1.93 -12.24 3.28
C TYR A 66 1.90 -13.38 4.26
N GLY A 67 2.87 -13.43 5.16
CA GLY A 67 2.91 -14.49 6.15
C GLY A 67 4.18 -15.32 6.08
N SER A 68 4.32 -16.19 7.07
CA SER A 68 5.47 -17.06 7.23
C SER A 68 5.50 -18.27 6.31
N GLU A 69 6.66 -18.94 6.27
CA GLU A 69 6.85 -20.14 5.45
C GLU A 69 5.94 -21.22 5.99
N ARG A 70 5.70 -21.20 7.29
CA ARG A 70 4.83 -22.17 7.88
C ARG A 70 3.38 -21.88 7.44
N GLU A 71 3.01 -20.61 7.42
CA GLU A 71 1.66 -20.23 6.98
C GLU A 71 1.52 -20.51 5.48
N PHE A 72 2.61 -20.37 4.73
CA PHE A 72 2.60 -20.61 3.30
C PHE A 72 2.34 -22.11 3.02
N LYS A 73 3.08 -22.98 3.70
CA LYS A 73 2.91 -24.41 3.51
C LYS A 73 1.53 -24.90 3.95
N GLU A 74 0.90 -24.22 4.89
CA GLU A 74 -0.43 -24.66 5.31
C GLU A 74 -1.45 -24.35 4.19
N MET A 75 -1.26 -23.21 3.50
CA MET A 75 -2.11 -22.78 2.39
C MET A 75 -2.03 -23.75 1.20
N ILE A 76 -0.81 -24.19 0.88
CA ILE A 76 -0.60 -25.14 -0.21
C ILE A 76 -1.43 -26.38 0.11
N GLU A 77 -1.30 -26.83 1.35
CA GLU A 77 -2.03 -28.00 1.83
C GLU A 77 -3.55 -27.86 1.72
N ALA A 78 -4.09 -26.68 2.02
CA ALA A 78 -5.53 -26.48 1.94
C ALA A 78 -6.06 -26.45 0.51
N PHE A 79 -5.26 -25.94 -0.41
CA PHE A 79 -5.65 -25.88 -1.82
C PHE A 79 -5.68 -27.27 -2.41
N HIS A 80 -4.63 -28.04 -2.14
CA HIS A 80 -4.57 -29.40 -2.65
C HIS A 80 -5.77 -30.16 -2.08
N ASP A 81 -6.17 -29.85 -0.85
CA ASP A 81 -7.29 -30.57 -0.26
C ASP A 81 -8.53 -30.40 -1.08
N SER A 82 -8.71 -29.23 -1.67
CA SER A 82 -9.89 -28.95 -2.47
C SER A 82 -9.67 -29.10 -3.95
N GLY A 83 -8.56 -29.73 -4.35
CA GLY A 83 -8.29 -29.93 -5.75
C GLY A 83 -7.88 -28.74 -6.62
N ILE A 84 -7.10 -27.83 -6.07
CA ILE A 84 -6.58 -26.69 -6.83
C ILE A 84 -5.05 -26.71 -6.74
N LYS A 85 -4.41 -26.31 -7.83
CA LYS A 85 -2.96 -26.29 -7.87
C LYS A 85 -2.42 -24.89 -7.67
N VAL A 86 -1.21 -24.82 -7.12
CA VAL A 86 -0.58 -23.52 -6.91
C VAL A 86 0.66 -23.39 -7.81
N VAL A 87 0.65 -22.33 -8.61
CA VAL A 87 1.71 -22.01 -9.54
C VAL A 87 2.27 -20.64 -9.12
N LEU A 88 3.56 -20.60 -8.73
CA LEU A 88 4.21 -19.37 -8.29
C LEU A 88 4.89 -18.59 -9.42
N ASP A 89 4.87 -17.27 -9.34
CA ASP A 89 5.56 -16.47 -10.35
C ASP A 89 7.01 -16.50 -9.86
N LEU A 90 7.91 -16.99 -10.70
CA LEU A 90 9.30 -17.12 -10.33
C LEU A 90 10.23 -16.23 -11.20
N PRO A 91 10.55 -15.05 -10.69
CA PRO A 91 11.41 -14.10 -11.40
C PRO A 91 12.91 -14.37 -11.27
N ILE A 92 13.38 -15.48 -11.83
CA ILE A 92 14.79 -15.78 -11.71
C ILE A 92 15.70 -15.31 -12.84
N HIS A 93 15.20 -14.47 -13.75
CA HIS A 93 16.01 -13.92 -14.85
C HIS A 93 17.08 -13.00 -14.24
N HIS A 94 16.69 -12.33 -13.16
CA HIS A 94 17.55 -11.39 -12.44
C HIS A 94 17.21 -11.37 -10.95
N THR A 95 17.90 -10.52 -10.20
CA THR A 95 17.61 -10.38 -8.78
C THR A 95 17.38 -8.89 -8.46
N GLY A 96 17.17 -8.59 -7.18
CA GLY A 96 16.99 -7.21 -6.78
C GLY A 96 18.38 -6.67 -6.53
N PHE A 97 18.49 -5.35 -6.41
CA PHE A 97 19.76 -4.67 -6.18
C PHE A 97 20.30 -5.04 -4.80
N LEU A 98 19.37 -5.29 -3.89
CA LEU A 98 19.67 -5.60 -2.51
C LEU A 98 19.88 -7.07 -2.16
N HIS A 99 19.76 -7.96 -3.13
CA HIS A 99 19.96 -9.37 -2.86
C HIS A 99 21.38 -9.52 -2.31
N THR A 100 21.61 -10.46 -1.40
CA THR A 100 22.95 -10.59 -0.85
C THR A 100 24.00 -10.95 -1.92
N TRP A 101 23.59 -11.68 -2.95
CA TRP A 101 24.54 -12.05 -3.98
C TRP A 101 25.12 -10.84 -4.68
N PHE A 102 24.27 -9.91 -5.10
CA PHE A 102 24.76 -8.73 -5.81
C PHE A 102 25.57 -7.84 -4.90
N GLN A 103 25.23 -7.79 -3.63
CA GLN A 103 25.96 -6.93 -2.71
C GLN A 103 27.42 -7.37 -2.53
N LYS A 104 27.65 -8.67 -2.50
CA LYS A 104 28.98 -9.20 -2.36
C LYS A 104 29.75 -9.00 -3.66
N ALA A 105 29.04 -9.02 -4.78
CA ALA A 105 29.69 -8.81 -6.07
C ALA A 105 30.20 -7.36 -6.13
N LEU A 106 29.39 -6.43 -5.62
CA LEU A 106 29.77 -5.01 -5.60
C LEU A 106 31.01 -4.80 -4.73
N LYS A 107 31.05 -5.47 -3.59
CA LYS A 107 32.17 -5.34 -2.69
C LYS A 107 33.36 -6.18 -3.16
N GLY A 108 33.29 -6.65 -4.40
CA GLY A 108 34.37 -7.44 -4.97
C GLY A 108 34.46 -8.94 -4.72
N ASP A 109 33.53 -9.53 -3.99
CA ASP A 109 33.60 -10.99 -3.76
C ASP A 109 33.68 -11.73 -5.10
N PRO A 110 34.83 -12.36 -5.39
CA PRO A 110 35.04 -13.09 -6.65
C PRO A 110 34.02 -14.19 -6.93
N HIS A 111 33.59 -14.89 -5.89
CA HIS A 111 32.61 -15.95 -6.06
C HIS A 111 31.37 -15.40 -6.77
N TYR A 112 30.75 -14.41 -6.12
CA TYR A 112 29.53 -13.78 -6.61
C TYR A 112 29.69 -12.87 -7.82
N ARG A 113 30.90 -12.33 -8.01
CA ARG A 113 31.18 -11.46 -9.15
C ARG A 113 30.69 -12.13 -10.43
N ASP A 114 30.98 -13.43 -10.57
CA ASP A 114 30.57 -14.18 -11.75
C ASP A 114 29.12 -14.62 -11.80
N TYR A 115 28.36 -14.25 -10.77
CA TYR A 115 26.94 -14.55 -10.70
C TYR A 115 26.17 -13.58 -11.60
N TYR A 116 26.81 -12.44 -11.88
CA TYR A 116 26.23 -11.41 -12.72
C TYR A 116 26.97 -11.13 -14.03
N VAL A 117 26.46 -10.16 -14.80
CA VAL A 117 27.01 -9.80 -16.10
C VAL A 117 27.67 -8.43 -16.15
N TRP A 118 28.98 -8.43 -16.33
CA TRP A 118 29.72 -7.18 -16.37
C TRP A 118 30.22 -6.83 -17.77
N ALA A 119 30.40 -5.54 -18.03
CA ALA A 119 30.88 -5.06 -19.32
C ALA A 119 32.34 -5.37 -19.61
N ASN A 120 32.60 -5.88 -20.81
CA ASN A 120 33.95 -6.25 -21.29
C ASN A 120 34.47 -5.14 -22.17
N LYS A 121 35.77 -5.19 -22.47
CA LYS A 121 36.40 -4.17 -23.31
C LYS A 121 35.68 -4.01 -24.66
N GLU A 122 35.05 -5.08 -25.12
CA GLU A 122 34.34 -5.06 -26.39
C GLU A 122 32.82 -5.03 -26.21
N THR A 123 32.34 -4.43 -25.11
CA THR A 123 30.91 -4.34 -24.86
C THR A 123 30.28 -3.03 -25.37
N ASP A 124 29.18 -3.18 -26.11
CA ASP A 124 28.44 -2.04 -26.67
C ASP A 124 27.67 -1.32 -25.55
N LEU A 125 28.37 -0.43 -24.85
CA LEU A 125 27.79 0.31 -23.74
C LEU A 125 26.51 1.07 -24.07
N ASP A 126 26.08 1.01 -25.32
CA ASP A 126 24.87 1.73 -25.72
C ASP A 126 23.72 0.85 -26.14
N GLU A 127 23.85 -0.45 -25.91
CA GLU A 127 22.82 -1.40 -26.26
C GLU A 127 21.54 -1.10 -25.48
N ARG A 128 20.38 -1.20 -26.14
CA ARG A 128 19.08 -0.95 -25.52
C ARG A 128 18.05 -2.08 -25.66
N ARG A 129 17.04 -2.06 -24.80
CA ARG A 129 15.99 -3.09 -24.81
C ARG A 129 15.28 -3.01 -26.12
N GLU A 130 14.37 -3.97 -26.35
CA GLU A 130 13.56 -3.94 -27.55
C GLU A 130 12.56 -2.83 -27.21
N TRP A 131 11.45 -3.21 -26.58
CA TRP A 131 10.40 -2.28 -26.22
C TRP A 131 10.94 -0.92 -25.77
N ASP A 132 10.96 -0.69 -24.45
CA ASP A 132 11.45 0.56 -23.84
C ASP A 132 12.55 1.28 -24.62
N GLY A 133 13.42 0.51 -25.27
CA GLY A 133 14.54 1.05 -26.03
C GLY A 133 15.48 1.78 -25.08
N GLU A 134 15.18 1.64 -23.77
CA GLU A 134 16.02 2.22 -22.72
C GLU A 134 17.24 1.36 -22.57
N LYS A 135 18.32 1.92 -22.02
CA LYS A 135 19.60 1.19 -21.90
C LYS A 135 19.60 -0.06 -21.02
N ILE A 136 20.53 -0.96 -21.30
CA ILE A 136 20.66 -2.19 -20.51
C ILE A 136 21.98 -2.32 -19.77
N TRP A 137 22.90 -1.38 -19.98
CA TRP A 137 24.16 -1.41 -19.24
C TRP A 137 24.10 -0.27 -18.22
N HIS A 138 24.49 -0.57 -16.98
CA HIS A 138 24.45 0.40 -15.89
C HIS A 138 25.79 0.61 -15.18
N PRO A 139 26.16 1.87 -14.91
CA PRO A 139 27.41 2.24 -14.26
C PRO A 139 27.47 2.26 -12.75
N LEU A 140 28.63 1.88 -12.25
CA LEU A 140 28.88 1.94 -10.83
C LEU A 140 29.95 3.04 -10.78
N GLU A 141 30.09 3.74 -9.66
CA GLU A 141 31.09 4.81 -9.58
C GLU A 141 32.52 4.37 -9.81
N ASP A 142 32.91 3.22 -9.29
CA ASP A 142 34.27 2.73 -9.46
C ASP A 142 34.64 2.35 -10.90
N GLY A 143 33.88 2.85 -11.87
CA GLY A 143 34.22 2.57 -13.26
C GLY A 143 33.65 1.33 -13.91
N ARG A 144 32.91 0.51 -13.17
CA ARG A 144 32.32 -0.70 -13.71
C ARG A 144 30.90 -0.52 -14.27
N PHE A 145 30.52 -1.47 -15.12
CA PHE A 145 29.20 -1.51 -15.73
C PHE A 145 28.65 -2.93 -15.66
N TYR A 146 27.46 -3.06 -15.08
CA TYR A 146 26.79 -4.35 -14.95
C TYR A 146 25.54 -4.35 -15.83
N ARG A 147 25.17 -5.51 -16.37
CA ARG A 147 23.98 -5.53 -17.23
C ARG A 147 22.67 -5.74 -16.49
N GLY A 148 21.67 -4.92 -16.84
CA GLY A 148 20.36 -5.02 -16.22
C GLY A 148 19.23 -4.63 -17.16
N LEU A 149 18.70 -5.61 -17.87
CA LEU A 149 17.59 -5.39 -18.81
C LEU A 149 16.43 -4.58 -18.21
N PHE A 150 15.79 -5.12 -17.19
CA PHE A 150 14.67 -4.44 -16.58
C PHE A 150 15.01 -3.22 -15.74
N GLY A 151 16.25 -2.71 -15.85
CA GLY A 151 16.61 -1.53 -15.08
C GLY A 151 17.91 -1.64 -14.32
N PRO A 152 18.41 -0.55 -13.69
CA PRO A 152 19.67 -0.60 -12.93
C PRO A 152 19.48 -1.23 -11.55
N PHE A 153 18.22 -1.48 -11.20
CA PHE A 153 17.90 -2.05 -9.91
C PHE A 153 17.49 -3.52 -9.99
N SER A 154 17.51 -4.06 -11.20
CA SER A 154 17.18 -5.46 -11.41
C SER A 154 18.29 -6.10 -12.24
N PRO A 155 19.50 -6.21 -11.66
CA PRO A 155 20.66 -6.81 -12.34
C PRO A 155 20.42 -8.24 -12.86
N ASP A 156 20.89 -8.46 -14.09
CA ASP A 156 20.80 -9.74 -14.81
C ASP A 156 21.66 -10.84 -14.20
N LEU A 157 21.10 -12.04 -14.09
CA LEU A 157 21.84 -13.20 -13.58
C LEU A 157 22.54 -13.85 -14.76
N ASN A 158 23.78 -14.31 -14.53
CA ASN A 158 24.59 -14.93 -15.57
C ASN A 158 24.42 -16.45 -15.69
N TYR A 159 23.64 -16.86 -16.68
CA TYR A 159 23.37 -18.27 -16.90
C TYR A 159 24.41 -18.96 -17.76
N ASP A 160 25.44 -18.23 -18.17
CA ASP A 160 26.51 -18.86 -18.93
C ASP A 160 27.35 -19.61 -17.88
N ASN A 161 27.20 -19.20 -16.62
CA ASN A 161 27.91 -19.75 -15.48
C ASN A 161 27.17 -20.96 -14.88
N PRO A 162 27.81 -22.16 -14.88
CA PRO A 162 27.13 -23.32 -14.32
C PRO A 162 26.69 -23.15 -12.86
N GLN A 163 27.44 -22.35 -12.10
CA GLN A 163 27.14 -22.11 -10.70
C GLN A 163 25.74 -21.55 -10.48
N VAL A 164 25.38 -20.55 -11.28
CA VAL A 164 24.08 -19.93 -11.18
C VAL A 164 22.96 -20.92 -11.56
N PHE A 165 23.13 -21.65 -12.65
CA PHE A 165 22.16 -22.66 -13.09
C PHE A 165 21.87 -23.60 -11.90
N ASP A 166 22.94 -24.06 -11.26
CA ASP A 166 22.86 -24.97 -10.12
C ASP A 166 22.14 -24.34 -8.96
N GLU A 167 22.51 -23.12 -8.65
CA GLU A 167 21.90 -22.40 -7.56
C GLU A 167 20.37 -22.34 -7.76
N MET A 168 19.94 -22.03 -8.98
CA MET A 168 18.51 -21.91 -9.26
C MET A 168 17.76 -23.22 -9.40
N LYS A 169 18.39 -24.26 -9.95
CA LYS A 169 17.66 -25.52 -10.06
C LYS A 169 17.43 -26.11 -8.67
N ARG A 170 18.33 -25.78 -7.74
CA ARG A 170 18.25 -26.23 -6.36
C ARG A 170 17.02 -25.56 -5.73
N LEU A 171 16.77 -24.31 -6.12
CA LEU A 171 15.61 -23.59 -5.62
C LEU A 171 14.29 -24.16 -6.14
N VAL A 172 14.24 -24.51 -7.42
CA VAL A 172 13.02 -25.06 -7.99
C VAL A 172 12.65 -26.39 -7.36
N LEU A 173 13.62 -27.26 -7.12
CA LEU A 173 13.36 -28.57 -6.49
C LEU A 173 12.83 -28.39 -5.06
N HIS A 174 13.37 -27.39 -4.38
CA HIS A 174 13.00 -27.02 -3.01
C HIS A 174 11.52 -26.62 -2.90
N LEU A 175 11.10 -25.71 -3.77
CA LEU A 175 9.71 -25.25 -3.80
C LEU A 175 8.83 -26.40 -4.29
N LEU A 176 9.32 -27.18 -5.25
CA LEU A 176 8.55 -28.32 -5.76
C LEU A 176 8.40 -29.23 -4.56
N ASP A 177 9.52 -29.53 -3.92
CA ASP A 177 9.56 -30.39 -2.75
C ASP A 177 8.59 -29.93 -1.68
N MET A 178 8.29 -28.65 -1.70
CA MET A 178 7.38 -28.04 -0.73
C MET A 178 5.90 -28.24 -1.07
N GLY A 179 5.58 -28.60 -2.31
CA GLY A 179 4.20 -28.79 -2.67
C GLY A 179 3.77 -27.92 -3.82
N VAL A 180 4.61 -26.95 -4.18
CA VAL A 180 4.27 -26.08 -5.30
C VAL A 180 4.13 -26.93 -6.55
N ASP A 181 3.07 -26.64 -7.29
CA ASP A 181 2.73 -27.37 -8.50
C ASP A 181 3.33 -26.88 -9.82
N GLY A 182 4.04 -25.75 -9.79
CA GLY A 182 4.62 -25.24 -11.04
C GLY A 182 5.04 -23.78 -10.95
N PHE A 183 5.61 -23.24 -12.03
CA PHE A 183 6.10 -21.86 -12.03
C PHE A 183 5.77 -21.04 -13.26
N ARG A 184 5.74 -19.71 -13.08
CA ARG A 184 5.53 -18.79 -14.19
C ARG A 184 6.90 -18.16 -14.30
N PHE A 185 7.66 -18.57 -15.30
CA PHE A 185 9.00 -18.05 -15.51
C PHE A 185 8.98 -16.70 -16.21
N ASP A 186 9.20 -15.65 -15.42
CA ASP A 186 9.21 -14.28 -15.92
C ASP A 186 10.51 -13.97 -16.72
N ALA A 187 10.31 -13.52 -17.96
CA ALA A 187 11.36 -13.14 -18.93
C ALA A 187 12.13 -14.28 -19.55
N ALA A 188 11.47 -15.44 -19.64
CA ALA A 188 12.05 -16.66 -20.18
C ALA A 188 12.83 -16.53 -21.47
N LYS A 189 12.56 -15.46 -22.22
CA LYS A 189 13.24 -15.28 -23.50
C LYS A 189 14.71 -14.81 -23.42
N HIS A 190 15.06 -14.12 -22.34
CA HIS A 190 16.40 -13.55 -22.17
C HIS A 190 17.30 -14.25 -21.14
N MET A 191 17.20 -15.57 -21.06
CA MET A 191 18.01 -16.34 -20.12
C MET A 191 19.44 -16.43 -20.65
N ARG A 192 19.56 -16.51 -21.98
CA ARG A 192 20.85 -16.57 -22.67
C ARG A 192 20.93 -15.43 -23.68
N ASP A 193 22.13 -15.18 -24.20
CA ASP A 193 22.37 -14.10 -25.15
C ASP A 193 21.82 -14.31 -26.54
N THR A 194 21.73 -15.57 -26.95
CA THR A 194 21.21 -15.87 -28.27
C THR A 194 20.07 -16.86 -28.06
N ILE A 195 19.13 -16.88 -29.00
CA ILE A 195 17.99 -17.76 -28.87
C ILE A 195 18.28 -19.27 -28.89
N GLU A 196 19.30 -19.68 -29.63
CA GLU A 196 19.67 -21.10 -29.71
C GLU A 196 20.18 -21.62 -28.36
N GLN A 197 20.93 -20.77 -27.67
CA GLN A 197 21.50 -21.07 -26.35
C GLN A 197 20.35 -21.09 -25.33
N ASN A 198 19.33 -20.27 -25.57
CA ASN A 198 18.18 -20.15 -24.69
C ASN A 198 17.34 -21.44 -24.67
N VAL A 199 17.09 -22.01 -25.84
CA VAL A 199 16.31 -23.24 -25.95
C VAL A 199 17.01 -24.41 -25.26
N ARG A 200 18.34 -24.43 -25.33
CA ARG A 200 19.09 -25.50 -24.68
C ARG A 200 19.09 -25.30 -23.17
N PHE A 201 19.25 -24.04 -22.73
CA PHE A 201 19.20 -23.74 -21.29
C PHE A 201 17.94 -24.36 -20.68
N TRP A 202 16.77 -23.99 -21.22
CA TRP A 202 15.52 -24.51 -20.72
C TRP A 202 15.39 -26.01 -20.85
N LYS A 203 15.97 -26.57 -21.90
CA LYS A 203 15.93 -28.02 -22.08
C LYS A 203 16.59 -28.67 -20.85
N TYR A 204 17.82 -28.25 -20.55
CA TYR A 204 18.55 -28.80 -19.41
C TYR A 204 17.90 -28.42 -18.09
N PHE A 205 17.55 -27.16 -17.94
CA PHE A 205 16.95 -26.71 -16.70
C PHE A 205 15.74 -27.53 -16.28
N LEU A 206 14.69 -27.50 -17.09
CA LEU A 206 13.46 -28.24 -16.75
C LEU A 206 13.50 -29.73 -17.09
N SER A 207 14.64 -30.23 -17.55
CA SER A 207 14.73 -31.63 -17.96
C SER A 207 14.14 -32.72 -17.06
N ASP A 208 14.61 -32.83 -15.83
CA ASP A 208 14.10 -33.91 -14.98
C ASP A 208 12.87 -33.61 -14.16
N LEU A 209 12.22 -32.48 -14.42
CA LEU A 209 11.06 -32.05 -13.63
C LEU A 209 9.67 -32.24 -14.21
N LYS A 210 8.71 -32.34 -13.30
CA LYS A 210 7.30 -32.48 -13.63
C LYS A 210 6.55 -31.32 -12.97
N GLY A 211 5.57 -30.77 -13.70
CA GLY A 211 4.78 -29.67 -13.21
C GLY A 211 4.28 -28.72 -14.29
N ILE A 212 3.50 -27.72 -13.89
CA ILE A 212 2.94 -26.70 -14.80
C ILE A 212 3.97 -25.61 -15.01
N PHE A 213 4.56 -25.54 -16.20
CA PHE A 213 5.57 -24.51 -16.45
C PHE A 213 5.05 -23.53 -17.49
N LEU A 214 4.89 -22.28 -17.10
CA LEU A 214 4.36 -21.24 -17.99
C LEU A 214 5.42 -20.28 -18.38
N ALA A 215 5.37 -19.79 -19.61
CA ALA A 215 6.37 -18.84 -20.07
C ALA A 215 5.90 -17.84 -21.12
N GLU A 216 6.58 -16.69 -21.13
CA GLU A 216 6.33 -15.62 -22.08
C GLU A 216 7.58 -15.66 -22.95
N ILE A 217 7.39 -16.06 -24.20
CA ILE A 217 8.49 -16.15 -25.14
C ILE A 217 8.04 -15.54 -26.45
N TRP A 218 8.46 -14.30 -26.74
CA TRP A 218 8.07 -13.62 -27.98
C TRP A 218 9.08 -13.70 -29.13
N ALA A 219 8.92 -14.73 -29.96
CA ALA A 219 9.76 -14.97 -31.13
C ALA A 219 8.70 -15.21 -32.21
N GLU A 220 7.45 -14.91 -31.81
CA GLU A 220 6.25 -15.03 -32.62
C GLU A 220 5.94 -16.42 -33.21
N ALA A 221 6.97 -17.22 -33.47
CA ALA A 221 6.78 -18.56 -34.06
C ALA A 221 8.08 -19.35 -34.18
N ARG A 222 7.92 -20.65 -34.48
CA ARG A 222 9.01 -21.61 -34.67
C ARG A 222 9.98 -21.78 -33.51
N MET A 223 10.12 -20.73 -32.70
CA MET A 223 10.97 -20.72 -31.50
C MET A 223 10.02 -20.89 -30.34
N VAL A 224 8.89 -20.20 -30.46
CA VAL A 224 7.84 -20.27 -29.48
C VAL A 224 7.48 -21.76 -29.41
N ASP A 225 7.56 -22.41 -30.56
CA ASP A 225 7.24 -23.84 -30.69
C ASP A 225 8.35 -24.70 -30.13
N GLU A 226 9.60 -24.25 -30.33
CA GLU A 226 10.78 -24.94 -29.84
C GLU A 226 10.73 -24.90 -28.31
N HIS A 227 10.45 -23.71 -27.79
CA HIS A 227 10.32 -23.48 -26.36
C HIS A 227 9.08 -24.22 -25.82
N GLY A 228 7.95 -24.07 -26.50
CA GLY A 228 6.70 -24.70 -26.09
C GLY A 228 6.74 -26.19 -25.84
N ARG A 229 7.57 -26.92 -26.60
CA ARG A 229 7.69 -28.37 -26.41
C ARG A 229 8.28 -28.59 -25.03
N ILE A 230 9.25 -27.76 -24.68
CA ILE A 230 9.95 -27.83 -23.41
C ILE A 230 9.09 -27.39 -22.22
N PHE A 231 8.38 -26.28 -22.34
CA PHE A 231 7.54 -25.80 -21.25
C PHE A 231 6.21 -26.55 -21.20
N GLY A 232 5.52 -26.62 -22.33
CA GLY A 232 4.24 -27.30 -22.37
C GLY A 232 3.06 -26.36 -22.29
N TYR A 233 3.32 -25.14 -21.86
CA TYR A 233 2.29 -24.12 -21.71
C TYR A 233 2.92 -22.80 -22.07
N MET A 234 2.34 -22.04 -23.01
CA MET A 234 2.89 -20.75 -23.42
C MET A 234 1.86 -19.64 -23.35
N LEU A 235 2.15 -18.58 -22.59
CA LEU A 235 1.24 -17.44 -22.47
C LEU A 235 0.93 -16.88 -23.86
N ASN A 236 -0.35 -16.87 -24.24
CA ASN A 236 -0.78 -16.37 -25.56
C ASN A 236 -1.20 -14.91 -25.63
N PHE A 237 -0.22 -14.03 -25.81
CA PHE A 237 -0.44 -12.59 -25.92
C PHE A 237 -1.06 -12.28 -27.27
N ASP A 238 -0.79 -13.15 -28.24
CA ASP A 238 -1.32 -12.98 -29.59
C ASP A 238 -2.83 -13.04 -29.58
N THR A 239 -3.39 -14.21 -29.31
CA THR A 239 -4.82 -14.36 -29.30
C THR A 239 -5.48 -13.61 -28.16
N SER A 240 -4.81 -13.53 -27.01
CA SER A 240 -5.38 -12.80 -25.89
C SER A 240 -5.69 -11.37 -26.29
N HIS A 241 -4.80 -10.78 -27.08
CA HIS A 241 -5.01 -9.41 -27.49
C HIS A 241 -6.05 -9.34 -28.58
N CYS A 242 -5.93 -10.25 -29.54
CA CYS A 242 -6.82 -10.30 -30.68
C CYS A 242 -8.29 -10.50 -30.36
N ILE A 243 -8.60 -11.35 -29.38
CA ILE A 243 -10.00 -11.54 -29.00
C ILE A 243 -10.60 -10.16 -28.69
N LYS A 244 -9.88 -9.37 -27.91
CA LYS A 244 -10.35 -8.05 -27.51
C LYS A 244 -10.45 -7.02 -28.62
N GLU A 245 -9.46 -7.02 -29.52
CA GLU A 245 -9.47 -6.07 -30.62
C GLU A 245 -10.67 -6.34 -31.54
N ALA A 246 -10.87 -7.59 -31.94
CA ALA A 246 -12.00 -7.96 -32.82
C ALA A 246 -13.33 -7.54 -32.25
N VAL A 247 -13.55 -7.86 -30.98
CA VAL A 247 -14.78 -7.53 -30.31
C VAL A 247 -14.98 -6.03 -30.35
N TRP A 248 -13.88 -5.31 -30.13
CA TRP A 248 -13.87 -3.84 -30.11
C TRP A 248 -14.09 -3.32 -31.53
N LYS A 249 -13.35 -3.84 -32.50
CA LYS A 249 -13.50 -3.44 -33.90
C LYS A 249 -14.66 -4.19 -34.57
N GLU A 250 -15.35 -5.03 -33.79
CA GLU A 250 -16.47 -5.83 -34.31
C GLU A 250 -16.13 -6.37 -35.68
N ASN A 251 -15.01 -7.09 -35.77
CA ASN A 251 -14.57 -7.62 -37.04
C ASN A 251 -13.70 -8.84 -36.80
N THR A 252 -14.16 -9.99 -37.26
CA THR A 252 -13.46 -11.26 -37.07
C THR A 252 -12.03 -11.38 -37.62
N ARG A 253 -11.69 -10.58 -38.62
CA ARG A 253 -10.38 -10.68 -39.27
C ARG A 253 -9.21 -11.03 -38.36
N VAL A 254 -8.86 -10.14 -37.44
CA VAL A 254 -7.74 -10.37 -36.54
C VAL A 254 -7.89 -11.69 -35.74
N LEU A 255 -9.07 -11.88 -35.14
CA LEU A 255 -9.35 -13.08 -34.36
C LEU A 255 -9.19 -14.35 -35.17
N ILE A 256 -9.54 -14.30 -36.45
CA ILE A 256 -9.41 -15.48 -37.28
C ILE A 256 -7.96 -15.76 -37.59
N GLU A 257 -7.24 -14.72 -38.02
CA GLU A 257 -5.83 -14.88 -38.34
C GLU A 257 -5.06 -15.43 -37.13
N SER A 258 -5.31 -14.78 -35.99
CA SER A 258 -4.66 -15.13 -34.75
C SER A 258 -4.86 -16.60 -34.36
N ILE A 259 -6.07 -17.12 -34.58
CA ILE A 259 -6.40 -18.50 -34.25
C ILE A 259 -5.59 -19.49 -35.09
N GLU A 260 -5.51 -19.21 -36.38
CA GLU A 260 -4.78 -20.05 -37.33
C GLU A 260 -3.27 -19.94 -37.13
N ARG A 261 -2.87 -18.78 -36.60
CA ARG A 261 -1.48 -18.46 -36.34
C ARG A 261 -0.94 -18.97 -35.01
N ALA A 262 -1.68 -18.71 -33.92
CA ALA A 262 -1.26 -19.07 -32.57
C ALA A 262 -2.02 -20.14 -31.79
N VAL A 263 -3.10 -20.69 -32.35
CA VAL A 263 -3.87 -21.66 -31.59
C VAL A 263 -3.91 -23.07 -32.17
N ILE A 264 -3.91 -23.18 -33.49
CA ILE A 264 -4.02 -24.48 -34.13
C ILE A 264 -2.76 -25.34 -34.18
N ALA A 265 -2.98 -26.66 -34.16
CA ALA A 265 -1.95 -27.68 -34.20
C ALA A 265 -0.61 -27.34 -33.51
N LYS A 266 -0.64 -27.24 -32.19
CA LYS A 266 0.54 -26.92 -31.42
C LYS A 266 0.96 -28.15 -30.62
N ASP A 267 2.25 -28.30 -30.34
CA ASP A 267 2.77 -29.44 -29.55
C ASP A 267 2.85 -29.02 -28.09
N TYR A 268 1.98 -28.08 -27.72
CA TYR A 268 1.93 -27.54 -26.37
C TYR A 268 0.61 -26.78 -26.19
N LEU A 269 0.20 -26.61 -24.95
CA LEU A 269 -1.05 -25.91 -24.68
C LEU A 269 -0.85 -24.41 -24.59
N PRO A 270 -1.50 -23.63 -25.47
CA PRO A 270 -1.34 -22.17 -25.37
C PRO A 270 -2.29 -21.66 -24.27
N VAL A 271 -1.84 -20.68 -23.49
CA VAL A 271 -2.65 -20.14 -22.41
C VAL A 271 -3.15 -18.74 -22.79
N ASN A 272 -4.49 -18.62 -22.91
CA ASN A 272 -5.18 -17.38 -23.30
C ASN A 272 -5.80 -16.68 -22.08
N PHE A 273 -5.53 -15.39 -21.95
CA PHE A 273 -5.98 -14.63 -20.79
C PHE A 273 -6.87 -13.41 -21.03
N THR A 274 -7.68 -13.08 -20.00
CA THR A 274 -8.53 -11.90 -20.07
C THR A 274 -7.59 -10.68 -20.12
N SER A 275 -6.56 -10.69 -19.25
CA SER A 275 -5.53 -9.65 -19.17
C SER A 275 -4.49 -9.99 -18.10
N ASN A 276 -3.53 -9.10 -17.89
CA ASN A 276 -2.55 -9.33 -16.83
C ASN A 276 -2.09 -8.00 -16.26
N HIS A 277 -1.15 -8.12 -15.30
CA HIS A 277 -0.59 -6.98 -14.53
C HIS A 277 0.25 -5.97 -15.30
N ASP A 278 0.66 -6.32 -16.51
CA ASP A 278 1.46 -5.42 -17.33
C ASP A 278 0.63 -4.62 -18.35
N MET A 279 -0.68 -4.56 -18.16
CA MET A 279 -1.50 -3.82 -19.10
C MET A 279 -2.84 -3.45 -18.47
N SER A 280 -3.67 -2.78 -19.27
CA SER A 280 -4.99 -2.37 -18.83
C SER A 280 -5.88 -3.60 -18.70
N ARG A 281 -6.93 -3.44 -17.88
CA ARG A 281 -7.86 -4.53 -17.63
C ARG A 281 -8.88 -4.73 -18.75
N LEU A 282 -9.27 -5.97 -18.95
CA LEU A 282 -10.24 -6.30 -19.97
C LEU A 282 -11.33 -5.27 -20.10
N ALA A 283 -11.87 -4.82 -18.96
CA ALA A 283 -12.93 -3.82 -18.96
C ALA A 283 -12.48 -2.40 -19.32
N SER A 284 -11.17 -2.16 -19.32
CA SER A 284 -10.64 -0.85 -19.68
C SER A 284 -9.86 -0.87 -21.00
N PHE A 285 -10.08 -1.92 -21.79
CA PHE A 285 -9.43 -2.07 -23.10
C PHE A 285 -9.83 -0.85 -23.92
N GLU A 286 -8.96 -0.44 -24.84
CA GLU A 286 -9.23 0.71 -25.69
C GLU A 286 -10.27 1.68 -25.13
N GLY A 287 -9.88 2.39 -24.08
CA GLY A 287 -10.81 3.34 -23.50
C GLY A 287 -11.96 2.61 -22.86
N GLY A 288 -11.69 1.40 -22.40
CA GLY A 288 -12.69 0.58 -21.76
C GLY A 288 -13.89 0.29 -22.64
N PHE A 289 -14.64 -0.76 -22.31
CA PHE A 289 -15.82 -1.07 -23.09
C PHE A 289 -16.96 -1.83 -22.40
N SER A 290 -18.17 -1.57 -22.89
CA SER A 290 -19.45 -2.12 -22.40
C SER A 290 -19.54 -3.53 -21.82
N LYS A 291 -20.51 -3.66 -20.92
CA LYS A 291 -20.83 -4.89 -20.22
C LYS A 291 -21.07 -6.05 -21.18
N GLU A 292 -21.71 -5.76 -22.31
CA GLU A 292 -22.00 -6.78 -23.28
C GLU A 292 -20.76 -7.17 -24.07
N LYS A 293 -19.81 -6.26 -24.20
CA LYS A 293 -18.57 -6.55 -24.93
C LYS A 293 -17.54 -7.29 -24.04
N ILE A 294 -17.54 -6.95 -22.76
CA ILE A 294 -16.68 -7.63 -21.79
C ILE A 294 -17.11 -9.09 -21.83
N LYS A 295 -18.41 -9.27 -21.64
CA LYS A 295 -19.06 -10.58 -21.66
C LYS A 295 -18.69 -11.42 -22.88
N LEU A 296 -18.78 -10.81 -24.06
CA LEU A 296 -18.47 -11.52 -25.30
C LEU A 296 -16.99 -11.93 -25.32
N SER A 297 -16.14 -11.06 -24.79
CA SER A 297 -14.72 -11.37 -24.73
C SER A 297 -14.53 -12.66 -23.94
N ILE A 298 -15.25 -12.77 -22.83
CA ILE A 298 -15.17 -13.96 -22.01
C ILE A 298 -15.75 -15.18 -22.72
N SER A 299 -16.84 -15.00 -23.47
CA SER A 299 -17.49 -16.10 -24.19
C SER A 299 -16.52 -16.73 -25.18
N ILE A 300 -15.82 -15.88 -25.93
CA ILE A 300 -14.84 -16.33 -26.92
C ILE A 300 -13.66 -17.01 -26.21
N LEU A 301 -13.17 -16.40 -25.14
CA LEU A 301 -12.05 -16.93 -24.37
C LEU A 301 -12.33 -18.35 -23.91
N PHE A 302 -13.54 -18.58 -23.42
CA PHE A 302 -13.91 -19.89 -22.93
C PHE A 302 -14.45 -20.89 -23.96
N THR A 303 -14.43 -20.52 -25.23
CA THR A 303 -14.87 -21.42 -26.28
C THR A 303 -13.74 -21.62 -27.28
N LEU A 304 -12.51 -21.45 -26.81
CA LEU A 304 -11.36 -21.67 -27.68
C LEU A 304 -10.47 -22.70 -27.04
N PRO A 305 -9.69 -23.42 -27.87
CA PRO A 305 -8.75 -24.45 -27.39
C PRO A 305 -7.60 -23.79 -26.63
N GLY A 306 -6.92 -24.58 -25.80
CA GLY A 306 -5.85 -24.05 -24.98
C GLY A 306 -6.42 -23.87 -23.59
N VAL A 307 -5.69 -23.23 -22.69
CA VAL A 307 -6.16 -23.01 -21.32
C VAL A 307 -6.59 -21.57 -21.07
N PRO A 308 -7.86 -21.37 -20.69
CA PRO A 308 -8.42 -20.03 -20.39
C PRO A 308 -7.93 -19.56 -19.00
N LEU A 309 -7.59 -18.28 -18.88
CA LEU A 309 -7.05 -17.73 -17.63
C LEU A 309 -7.66 -16.36 -17.33
N VAL A 310 -8.09 -16.15 -16.09
CA VAL A 310 -8.67 -14.86 -15.72
C VAL A 310 -7.85 -14.12 -14.69
N PHE A 311 -7.55 -12.86 -14.98
CA PHE A 311 -6.78 -12.00 -14.07
C PHE A 311 -7.81 -11.64 -12.98
N TYR A 312 -7.46 -11.83 -11.70
CA TYR A 312 -8.42 -11.56 -10.62
C TYR A 312 -9.15 -10.23 -10.78
N GLY A 313 -10.48 -10.26 -10.70
CA GLY A 313 -11.26 -9.04 -10.84
C GLY A 313 -11.90 -8.90 -12.20
N ASP A 314 -11.27 -9.48 -13.23
CA ASP A 314 -11.81 -9.41 -14.58
C ASP A 314 -13.18 -10.08 -14.67
N GLU A 315 -13.40 -11.14 -13.87
CA GLU A 315 -14.68 -11.85 -13.81
C GLU A 315 -15.78 -10.93 -13.27
N LEU A 316 -15.37 -9.80 -12.69
CA LEU A 316 -16.29 -8.81 -12.13
C LEU A 316 -16.31 -7.55 -13.02
N GLY A 317 -15.42 -7.52 -14.00
CA GLY A 317 -15.31 -6.37 -14.88
C GLY A 317 -14.66 -5.19 -14.14
N MET A 318 -13.67 -5.48 -13.29
CA MET A 318 -12.96 -4.44 -12.55
C MET A 318 -12.27 -3.54 -13.55
N LYS A 319 -12.20 -2.25 -13.22
CA LYS A 319 -11.58 -1.26 -14.10
C LYS A 319 -10.13 -0.93 -13.75
N GLY A 320 -9.36 -0.55 -14.76
CA GLY A 320 -7.96 -0.19 -14.55
C GLY A 320 -7.19 0.15 -15.81
N VAL A 321 -6.80 1.41 -15.95
CA VAL A 321 -6.03 1.86 -17.11
C VAL A 321 -4.55 1.91 -16.75
N TYR A 322 -3.81 0.94 -17.28
CA TYR A 322 -2.38 0.79 -17.03
C TYR A 322 -1.61 2.10 -17.11
N GLN A 323 -0.67 2.28 -16.20
CA GLN A 323 0.10 3.51 -16.18
C GLN A 323 1.43 3.35 -15.44
N LYS A 324 2.46 4.05 -15.91
CA LYS A 324 3.77 4.02 -15.26
C LYS A 324 4.04 5.38 -14.61
N PRO A 325 4.87 5.40 -13.57
CA PRO A 325 5.53 4.22 -13.01
C PRO A 325 4.65 3.57 -11.94
N ASN A 326 3.56 4.26 -11.57
CA ASN A 326 2.65 3.74 -10.56
C ASN A 326 1.72 2.67 -11.15
N THR A 327 2.32 1.53 -11.48
CA THR A 327 1.61 0.40 -12.07
C THR A 327 0.66 -0.32 -11.14
N GLU A 328 0.38 0.25 -9.96
CA GLU A 328 -0.56 -0.39 -9.02
C GLU A 328 -1.99 0.05 -9.28
N VAL A 329 -2.20 0.78 -10.36
CA VAL A 329 -3.54 1.24 -10.73
C VAL A 329 -4.37 0.05 -11.24
N VAL A 330 -3.67 -0.97 -11.72
CA VAL A 330 -4.30 -2.18 -12.23
C VAL A 330 -4.32 -3.31 -11.16
N LEU A 331 -3.86 -2.98 -9.96
CA LEU A 331 -3.81 -3.94 -8.86
C LEU A 331 -4.71 -3.54 -7.68
N ASP A 332 -5.84 -2.89 -8.00
CA ASP A 332 -6.82 -2.45 -7.01
C ASP A 332 -7.34 -3.59 -6.11
N PRO A 333 -7.78 -3.27 -4.88
CA PRO A 333 -8.32 -4.26 -3.93
C PRO A 333 -9.57 -5.02 -4.43
N PHE A 334 -9.52 -6.35 -4.45
CA PHE A 334 -10.66 -7.19 -4.89
C PHE A 334 -11.77 -7.01 -3.84
N PRO A 335 -12.96 -6.52 -4.29
CA PRO A 335 -14.21 -6.23 -3.54
C PRO A 335 -15.19 -7.37 -3.24
N TRP A 336 -15.31 -7.77 -1.99
CA TRP A 336 -16.20 -8.85 -1.69
C TRP A 336 -17.64 -8.39 -1.43
N ASN A 337 -17.81 -7.17 -0.89
CA ASN A 337 -19.16 -6.63 -0.69
C ASN A 337 -19.18 -5.15 -1.11
N GLU A 338 -20.35 -4.55 -1.19
CA GLU A 338 -20.42 -3.18 -1.64
C GLU A 338 -19.70 -2.16 -0.76
N SER A 339 -19.86 -2.30 0.55
CA SER A 339 -19.23 -1.39 1.50
C SER A 339 -17.73 -1.58 1.62
N MET A 340 -17.21 -2.66 1.00
CA MET A 340 -15.78 -3.02 1.05
C MET A 340 -15.33 -3.05 2.52
N CYS A 341 -16.13 -3.75 3.31
CA CYS A 341 -15.88 -3.86 4.74
C CYS A 341 -16.51 -5.16 5.22
N VAL A 342 -15.68 -6.19 5.26
CA VAL A 342 -16.11 -7.50 5.69
C VAL A 342 -14.83 -8.28 5.97
N GLU A 343 -14.91 -9.21 6.89
CA GLU A 343 -13.77 -10.03 7.25
C GLU A 343 -13.16 -10.53 5.94
N GLY A 344 -11.85 -10.33 5.75
CA GLY A 344 -11.22 -10.82 4.54
C GLY A 344 -11.07 -9.78 3.45
N GLN A 345 -11.73 -8.63 3.62
CA GLN A 345 -11.61 -7.59 2.62
C GLN A 345 -10.25 -6.91 2.83
N THR A 346 -9.63 -6.49 1.73
CA THR A 346 -8.34 -5.80 1.77
C THR A 346 -8.56 -4.32 1.39
N PHE A 347 -7.81 -3.44 2.05
CA PHE A 347 -7.90 -2.00 1.82
C PHE A 347 -6.55 -1.34 2.16
N TRP A 348 -5.49 -1.83 1.51
CA TRP A 348 -4.16 -1.32 1.81
C TRP A 348 -3.87 0.06 1.22
N LYS A 349 -4.80 0.57 0.42
CA LYS A 349 -4.71 1.90 -0.18
C LYS A 349 -6.11 2.24 -0.72
N TRP A 350 -6.34 3.50 -1.09
CA TRP A 350 -7.65 3.83 -1.63
C TRP A 350 -7.59 3.36 -3.07
N PRO A 351 -8.64 2.69 -3.54
CA PRO A 351 -8.68 2.17 -4.92
C PRO A 351 -8.52 3.21 -6.01
N ALA A 352 -7.80 2.87 -7.06
CA ALA A 352 -7.61 3.75 -8.21
C ALA A 352 -8.89 3.86 -9.08
N TYR A 353 -9.47 2.73 -9.50
CA TYR A 353 -10.67 2.78 -10.33
C TYR A 353 -11.92 2.13 -9.77
N ASN A 354 -11.76 1.21 -8.83
CA ASN A 354 -12.91 0.49 -8.27
C ASN A 354 -13.12 0.79 -6.77
N GLY A 355 -13.80 1.90 -6.48
CA GLY A 355 -14.08 2.29 -5.11
C GLY A 355 -15.40 1.68 -4.66
N PRO A 356 -15.78 1.77 -3.38
CA PRO A 356 -17.04 1.20 -2.85
C PRO A 356 -18.34 1.70 -3.43
N PHE A 357 -19.40 0.90 -3.25
CA PHE A 357 -20.72 1.19 -3.75
C PHE A 357 -20.68 1.52 -5.25
N SER A 358 -20.08 0.62 -6.03
CA SER A 358 -19.95 0.77 -7.48
C SER A 358 -20.67 -0.38 -8.17
N GLY A 359 -21.42 -1.17 -7.41
CA GLY A 359 -22.12 -2.28 -8.00
C GLY A 359 -21.23 -3.36 -8.60
N ILE A 360 -20.02 -3.54 -8.08
CA ILE A 360 -19.14 -4.58 -8.62
C ILE A 360 -18.61 -5.56 -7.61
N SER A 361 -19.09 -5.48 -6.37
CA SER A 361 -18.65 -6.40 -5.33
C SER A 361 -19.12 -7.81 -5.69
N VAL A 362 -18.40 -8.84 -5.25
CA VAL A 362 -18.82 -10.20 -5.55
C VAL A 362 -20.23 -10.39 -4.99
N GLU A 363 -20.40 -10.02 -3.73
CA GLU A 363 -21.70 -10.10 -3.04
C GLU A 363 -22.83 -9.58 -3.93
N TYR A 364 -22.61 -8.41 -4.50
CA TYR A 364 -23.59 -7.75 -5.34
C TYR A 364 -23.88 -8.46 -6.67
N GLN A 365 -22.84 -8.85 -7.40
CA GLN A 365 -23.03 -9.50 -8.68
C GLN A 365 -23.62 -10.89 -8.61
N LYS A 366 -23.39 -11.59 -7.49
CA LYS A 366 -23.91 -12.94 -7.29
C LYS A 366 -25.45 -12.93 -7.40
N ARG A 367 -26.03 -11.77 -7.12
CA ARG A 367 -27.48 -11.61 -7.12
C ARG A 367 -28.13 -11.21 -8.42
N ASP A 368 -27.45 -10.43 -9.26
CA ASP A 368 -28.03 -10.03 -10.53
C ASP A 368 -27.62 -10.99 -11.63
N PRO A 369 -28.53 -11.85 -12.11
CA PRO A 369 -28.20 -12.81 -13.17
C PRO A 369 -27.71 -12.17 -14.45
N ASP A 370 -27.80 -10.84 -14.49
CA ASP A 370 -27.39 -10.08 -15.65
C ASP A 370 -25.94 -9.60 -15.54
N SER A 371 -25.31 -9.86 -14.38
CA SER A 371 -23.94 -9.43 -14.09
C SER A 371 -22.84 -10.21 -14.79
N ILE A 372 -21.66 -9.59 -14.91
CA ILE A 372 -20.51 -10.25 -15.54
C ILE A 372 -20.12 -11.49 -14.73
N LEU A 373 -20.27 -11.43 -13.40
CA LEU A 373 -19.90 -12.58 -12.59
C LEU A 373 -20.80 -13.77 -12.88
N SER A 374 -22.11 -13.51 -12.90
CA SER A 374 -23.14 -14.51 -13.18
C SER A 374 -22.90 -15.17 -14.55
N HIS A 375 -22.47 -14.34 -15.49
CA HIS A 375 -22.16 -14.75 -16.85
C HIS A 375 -20.90 -15.60 -16.88
N THR A 376 -19.83 -15.12 -16.25
CA THR A 376 -18.57 -15.85 -16.23
C THR A 376 -18.79 -17.23 -15.57
N LEU A 377 -19.58 -17.27 -14.52
CA LEU A 377 -19.86 -18.52 -13.83
C LEU A 377 -20.55 -19.50 -14.77
N GLY A 378 -21.19 -18.97 -15.80
CA GLY A 378 -21.87 -19.82 -16.74
C GLY A 378 -20.89 -20.52 -17.65
N TRP A 379 -20.01 -19.74 -18.27
CA TRP A 379 -19.01 -20.28 -19.18
C TRP A 379 -17.96 -21.12 -18.51
N THR A 380 -17.64 -20.77 -17.26
CA THR A 380 -16.66 -21.53 -16.51
C THR A 380 -17.23 -22.91 -16.08
N ARG A 381 -18.55 -23.01 -15.87
CA ARG A 381 -19.11 -24.30 -15.50
C ARG A 381 -19.15 -25.17 -16.74
N PHE A 382 -19.41 -24.52 -17.88
CA PHE A 382 -19.48 -25.20 -19.15
C PHE A 382 -18.12 -25.77 -19.46
N ARG A 383 -17.12 -24.91 -19.38
CA ARG A 383 -15.77 -25.31 -19.68
C ARG A 383 -15.34 -26.41 -18.72
N LYS A 384 -15.70 -26.27 -17.45
CA LYS A 384 -15.30 -27.30 -16.48
C LYS A 384 -15.80 -28.66 -16.91
N GLU A 385 -17.02 -28.68 -17.45
CA GLU A 385 -17.66 -29.92 -17.91
C GLU A 385 -17.18 -30.41 -19.28
N ASN A 386 -16.23 -29.69 -19.91
CA ASN A 386 -15.71 -30.09 -21.21
C ASN A 386 -14.20 -29.94 -21.34
N GLN A 387 -13.46 -30.73 -20.56
CA GLN A 387 -12.00 -30.70 -20.56
C GLN A 387 -11.38 -30.99 -21.92
N TRP A 388 -12.09 -31.76 -22.75
CA TRP A 388 -11.58 -32.13 -24.07
C TRP A 388 -11.27 -30.93 -24.98
N ILE A 389 -11.94 -29.80 -24.75
CA ILE A 389 -11.74 -28.63 -25.57
C ILE A 389 -10.31 -28.09 -25.49
N ASP A 390 -9.67 -28.26 -24.34
CA ASP A 390 -8.30 -27.80 -24.16
C ASP A 390 -7.39 -28.20 -25.33
N ARG A 391 -7.52 -29.45 -25.79
CA ARG A 391 -6.71 -29.95 -26.92
C ARG A 391 -7.55 -30.32 -28.15
N ALA A 392 -8.75 -29.77 -28.25
CA ALA A 392 -9.61 -30.09 -29.36
C ALA A 392 -9.13 -29.40 -30.62
N LYS A 393 -9.55 -29.92 -31.78
CA LYS A 393 -9.19 -29.36 -33.09
C LYS A 393 -10.26 -28.33 -33.48
N LEU A 394 -9.87 -27.35 -34.30
CA LEU A 394 -10.77 -26.28 -34.72
C LEU A 394 -11.01 -26.37 -36.23
N GLU A 395 -12.27 -26.31 -36.64
CA GLU A 395 -12.66 -26.35 -38.05
C GLU A 395 -13.58 -25.17 -38.33
N PHE A 396 -13.17 -24.28 -39.21
CA PHE A 396 -14.00 -23.11 -39.53
C PHE A 396 -15.15 -23.47 -40.44
N LEU A 397 -16.31 -22.90 -40.15
CA LEU A 397 -17.50 -23.16 -40.96
C LEU A 397 -18.07 -21.86 -41.51
N CYS A 398 -17.70 -20.73 -40.91
CA CYS A 398 -18.20 -19.45 -41.35
C CYS A 398 -17.31 -18.31 -40.88
N LYS A 399 -16.64 -17.66 -41.82
CA LYS A 399 -15.75 -16.55 -41.52
C LYS A 399 -16.26 -15.25 -42.15
N GLU A 400 -17.31 -14.68 -41.58
CA GLU A 400 -17.88 -13.43 -42.10
C GLU A 400 -17.35 -12.27 -41.26
N ASP A 401 -17.32 -11.09 -41.84
CA ASP A 401 -16.86 -9.90 -41.12
C ASP A 401 -17.56 -9.73 -39.77
N LYS A 402 -18.89 -9.69 -39.80
CA LYS A 402 -19.66 -9.50 -38.57
C LYS A 402 -19.76 -10.73 -37.66
N PHE A 403 -19.67 -11.93 -38.23
CA PHE A 403 -19.76 -13.14 -37.41
C PHE A 403 -18.91 -14.33 -37.84
N LEU A 404 -18.68 -15.21 -36.87
CA LEU A 404 -17.83 -16.37 -37.04
C LEU A 404 -18.50 -17.59 -36.45
N VAL A 405 -18.17 -18.75 -37.02
CA VAL A 405 -18.71 -20.03 -36.59
C VAL A 405 -17.63 -21.06 -36.86
N TYR A 406 -17.37 -21.93 -35.88
CA TYR A 406 -16.38 -23.00 -36.02
C TYR A 406 -16.80 -24.25 -35.25
N ARG A 407 -16.07 -25.33 -35.44
CA ARG A 407 -16.38 -26.59 -34.79
C ARG A 407 -15.19 -27.19 -34.04
N LEU A 408 -15.43 -27.55 -32.78
CA LEU A 408 -14.40 -28.14 -31.94
C LEU A 408 -14.66 -29.62 -31.92
N TYR A 409 -13.61 -30.41 -31.97
CA TYR A 409 -13.80 -31.84 -31.97
C TYR A 409 -12.49 -32.59 -31.72
N ASP A 410 -12.65 -33.84 -31.30
CA ASP A 410 -11.53 -34.75 -31.09
C ASP A 410 -12.14 -36.12 -31.39
N ASP A 411 -11.53 -37.22 -30.95
CA ASP A 411 -12.12 -38.51 -31.29
C ASP A 411 -13.53 -38.84 -30.76
N GLN A 412 -13.88 -38.34 -29.58
CA GLN A 412 -15.19 -38.65 -29.04
C GLN A 412 -16.15 -37.48 -28.77
N HIS A 413 -15.90 -36.32 -29.40
CA HIS A 413 -16.78 -35.15 -29.25
C HIS A 413 -16.73 -34.24 -30.47
N SER A 414 -17.62 -33.25 -30.44
CA SER A 414 -17.71 -32.23 -31.47
C SER A 414 -18.73 -31.21 -31.00
N LEU A 415 -18.38 -29.93 -31.03
CA LEU A 415 -19.27 -28.88 -30.59
C LEU A 415 -19.14 -27.75 -31.61
N LYS A 416 -20.27 -27.12 -31.91
CA LYS A 416 -20.28 -26.01 -32.86
C LYS A 416 -20.48 -24.72 -32.06
N VAL A 417 -19.59 -23.76 -32.32
CA VAL A 417 -19.57 -22.48 -31.64
C VAL A 417 -19.93 -21.34 -32.56
N PHE A 418 -20.79 -20.45 -32.08
CA PHE A 418 -21.25 -19.31 -32.88
C PHE A 418 -21.01 -17.96 -32.19
N HIS A 419 -20.20 -17.12 -32.85
CA HIS A 419 -19.86 -15.80 -32.31
C HIS A 419 -20.39 -14.67 -33.17
N ASN A 420 -21.22 -13.79 -32.58
CA ASN A 420 -21.76 -12.65 -33.29
C ASN A 420 -21.24 -11.35 -32.71
N LEU A 421 -20.22 -10.81 -33.37
CA LEU A 421 -19.60 -9.58 -32.92
C LEU A 421 -20.38 -8.31 -33.24
N SER A 422 -21.54 -8.44 -33.88
CA SER A 422 -22.35 -7.27 -34.24
C SER A 422 -23.70 -7.22 -33.53
N GLY A 423 -24.47 -6.18 -33.84
CA GLY A 423 -25.78 -6.01 -33.22
C GLY A 423 -26.99 -6.22 -34.11
N GLU A 424 -27.42 -7.47 -34.25
CA GLU A 424 -28.59 -7.90 -35.01
C GLU A 424 -28.41 -9.37 -35.46
N GLU A 425 -29.40 -10.20 -35.12
CA GLU A 425 -29.37 -11.62 -35.41
C GLU A 425 -28.98 -11.99 -36.82
N VAL A 426 -28.73 -13.27 -37.03
CA VAL A 426 -28.33 -13.80 -38.32
C VAL A 426 -28.35 -15.31 -38.14
N VAL A 427 -28.98 -16.03 -39.07
CA VAL A 427 -29.06 -17.48 -38.93
C VAL A 427 -28.00 -18.32 -39.64
N PHE A 428 -27.48 -19.33 -38.94
CA PHE A 428 -26.51 -20.26 -39.51
C PHE A 428 -26.97 -21.65 -39.07
N GLU A 429 -27.02 -22.58 -40.03
CA GLU A 429 -27.45 -23.93 -39.79
C GLU A 429 -28.68 -23.99 -38.87
N GLY A 430 -29.62 -23.09 -39.13
CA GLY A 430 -30.86 -23.04 -38.37
C GLY A 430 -30.76 -22.39 -37.01
N VAL A 431 -29.56 -22.00 -36.62
CA VAL A 431 -29.31 -21.37 -35.31
C VAL A 431 -29.38 -19.83 -35.33
N LYS A 432 -30.09 -19.27 -34.35
CA LYS A 432 -30.21 -17.81 -34.23
C LYS A 432 -29.06 -17.20 -33.44
N MET A 433 -28.16 -16.52 -34.14
CA MET A 433 -27.01 -15.88 -33.54
C MET A 433 -27.32 -14.44 -33.11
N LYS A 434 -27.80 -14.28 -31.87
CA LYS A 434 -28.14 -12.97 -31.30
C LYS A 434 -26.99 -11.95 -31.36
N PRO A 435 -27.29 -10.65 -31.16
CA PRO A 435 -26.27 -9.60 -31.19
C PRO A 435 -25.32 -9.67 -29.99
N TYR A 436 -24.02 -9.78 -30.28
CA TYR A 436 -22.96 -9.82 -29.25
C TYR A 436 -23.01 -11.04 -28.33
N LYS A 437 -23.42 -12.19 -28.87
CA LYS A 437 -23.57 -13.43 -28.10
C LYS A 437 -22.85 -14.65 -28.67
N THR A 438 -22.65 -15.65 -27.82
CA THR A 438 -21.98 -16.89 -28.22
C THR A 438 -22.98 -18.02 -28.03
N GLU A 439 -22.96 -18.97 -28.95
CA GLU A 439 -23.87 -20.11 -28.89
C GLU A 439 -23.08 -21.38 -29.17
N VAL A 440 -23.38 -22.44 -28.43
CA VAL A 440 -22.73 -23.73 -28.65
C VAL A 440 -23.81 -24.77 -28.89
N VAL A 441 -23.53 -25.75 -29.76
CA VAL A 441 -24.51 -26.79 -30.08
C VAL A 441 -23.77 -28.07 -30.43
N MET B 1 12.43 18.46 25.49
CA MET B 1 11.69 17.24 25.05
C MET B 1 11.15 17.41 23.64
N ILE B 2 11.63 16.59 22.73
CA ILE B 2 11.21 16.66 21.34
C ILE B 2 10.42 15.42 20.96
N GLY B 3 9.32 15.63 20.22
CA GLY B 3 8.49 14.53 19.79
C GLY B 3 8.56 14.25 18.28
N TYR B 4 8.16 13.05 17.88
CA TYR B 4 8.20 12.64 16.47
C TYR B 4 7.03 11.69 16.18
N GLN B 5 6.17 12.05 15.21
CA GLN B 5 5.02 11.22 14.85
C GLN B 5 5.36 10.35 13.64
N ILE B 6 5.11 9.05 13.78
CA ILE B 6 5.41 8.09 12.71
C ILE B 6 4.23 7.31 12.18
N TYR B 7 4.20 7.15 10.85
CA TYR B 7 3.20 6.31 10.20
C TYR B 7 4.07 5.06 9.99
N VAL B 8 3.97 4.10 10.91
CA VAL B 8 4.80 2.92 10.84
C VAL B 8 5.03 2.31 9.47
N ARG B 9 3.96 2.07 8.72
CA ARG B 9 4.11 1.45 7.41
C ARG B 9 5.08 2.16 6.48
N SER B 10 5.19 3.49 6.62
CA SER B 10 6.04 4.27 5.74
C SER B 10 7.40 4.67 6.25
N PHE B 11 7.70 4.36 7.51
CA PHE B 11 8.98 4.75 8.09
C PHE B 11 10.17 3.82 7.80
N ARG B 12 10.23 2.67 8.46
CA ARG B 12 11.34 1.75 8.23
C ARG B 12 10.97 0.25 8.22
N ASP B 13 11.42 -0.47 7.19
CA ASP B 13 11.15 -1.91 7.05
C ASP B 13 12.27 -2.78 7.63
N GLY B 14 11.93 -3.63 8.61
CA GLY B 14 12.94 -4.46 9.23
C GLY B 14 12.84 -5.93 8.90
N ASN B 15 12.09 -6.27 7.88
CA ASN B 15 11.97 -7.66 7.49
C ASN B 15 12.02 -7.83 5.99
N LEU B 16 12.71 -6.91 5.34
CA LEU B 16 12.91 -6.97 3.90
C LEU B 16 11.69 -7.19 3.02
N ASP B 17 10.55 -6.62 3.36
CA ASP B 17 9.38 -6.80 2.51
C ASP B 17 8.86 -5.44 2.02
N GLY B 18 9.59 -4.38 2.34
CA GLY B 18 9.23 -3.04 1.91
C GLY B 18 8.11 -2.37 2.67
N VAL B 19 7.62 -3.04 3.71
CA VAL B 19 6.54 -2.55 4.57
C VAL B 19 7.10 -2.18 5.96
N GLY B 20 6.81 -0.97 6.42
CA GLY B 20 7.27 -0.56 7.72
C GLY B 20 6.73 -1.55 8.75
N ASP B 21 7.53 -1.87 9.75
CA ASP B 21 7.15 -2.84 10.80
C ASP B 21 7.80 -2.50 12.15
N PHE B 22 7.51 -3.27 13.19
CA PHE B 22 8.07 -2.99 14.51
C PHE B 22 9.59 -3.19 14.54
N ARG B 23 10.08 -4.11 13.70
CA ARG B 23 11.51 -4.38 13.66
C ARG B 23 12.25 -3.23 13.00
N GLY B 24 11.73 -2.73 11.89
CA GLY B 24 12.40 -1.63 11.23
C GLY B 24 12.51 -0.45 12.16
N LEU B 25 11.40 -0.18 12.82
CA LEU B 25 11.26 0.91 13.77
C LEU B 25 12.38 0.83 14.80
N LYS B 26 12.70 -0.38 15.23
CA LYS B 26 13.76 -0.61 16.20
C LYS B 26 15.10 -0.23 15.59
N ASN B 27 15.24 -0.49 14.30
CA ASN B 27 16.50 -0.17 13.63
C ASN B 27 16.67 1.31 13.31
N ALA B 28 15.62 2.09 13.51
CA ALA B 28 15.71 3.51 13.23
C ALA B 28 16.06 4.31 14.48
N VAL B 29 16.31 3.61 15.59
CA VAL B 29 16.66 4.28 16.84
C VAL B 29 17.94 5.14 16.72
N SER B 30 18.89 4.69 15.91
CA SER B 30 20.14 5.44 15.75
C SER B 30 19.89 6.82 15.20
N TYR B 31 19.02 6.88 14.17
CA TYR B 31 18.64 8.11 13.48
C TYR B 31 17.87 9.08 14.40
N LEU B 32 16.89 8.54 15.10
CA LEU B 32 16.03 9.28 16.02
C LEU B 32 16.80 9.88 17.18
N LYS B 33 17.82 9.14 17.62
CA LYS B 33 18.66 9.59 18.72
C LYS B 33 19.55 10.71 18.17
N GLU B 34 20.00 10.51 16.92
CA GLU B 34 20.85 11.46 16.20
C GLU B 34 20.06 12.70 15.78
N LEU B 35 18.75 12.56 15.65
CA LEU B 35 17.88 13.68 15.29
C LEU B 35 17.37 14.35 16.57
N GLY B 36 17.72 13.80 17.73
CA GLY B 36 17.32 14.39 19.00
C GLY B 36 15.90 14.13 19.51
N ILE B 37 15.32 12.98 19.16
CA ILE B 37 13.97 12.65 19.58
C ILE B 37 13.90 12.06 20.98
N ASP B 38 12.87 12.45 21.73
CA ASP B 38 12.65 11.97 23.11
C ASP B 38 11.56 10.93 23.19
N PHE B 39 10.44 11.21 22.53
CA PHE B 39 9.31 10.29 22.50
C PHE B 39 8.76 10.22 21.08
N VAL B 40 8.33 9.03 20.67
CA VAL B 40 7.75 8.83 19.34
C VAL B 40 6.29 8.57 19.56
N TRP B 41 5.46 9.13 18.68
CA TRP B 41 4.03 8.93 18.73
C TRP B 41 3.77 8.04 17.51
N LEU B 42 3.30 6.81 17.74
CA LEU B 42 3.04 5.87 16.65
C LEU B 42 1.57 5.84 16.25
N MET B 43 1.28 6.09 14.97
CA MET B 43 -0.10 6.03 14.52
C MET B 43 -0.53 4.59 14.77
N PRO B 44 -1.84 4.35 14.96
CA PRO B 44 -2.49 3.04 15.24
C PRO B 44 -1.80 1.73 14.85
N VAL B 45 -1.37 0.96 15.85
CA VAL B 45 -0.68 -0.33 15.61
C VAL B 45 -1.55 -1.56 15.91
N PHE B 46 -2.87 -1.35 16.01
CA PHE B 46 -3.84 -2.41 16.29
C PHE B 46 -4.51 -2.94 15.03
N SER B 47 -5.16 -4.10 15.14
CA SER B 47 -5.85 -4.69 14.01
C SER B 47 -6.99 -3.82 13.50
N SER B 48 -7.03 -3.65 12.19
CA SER B 48 -8.01 -2.84 11.50
C SER B 48 -7.73 -3.11 10.04
N ILE B 49 -8.72 -3.04 9.17
CA ILE B 49 -8.40 -3.32 7.79
C ILE B 49 -8.02 -2.11 6.97
N SER B 50 -7.95 -0.92 7.56
CA SER B 50 -7.59 0.28 6.79
C SER B 50 -6.09 0.59 6.79
N PHE B 51 -5.61 1.19 5.73
CA PHE B 51 -4.20 1.49 5.64
C PHE B 51 -3.76 2.44 6.74
N HIS B 52 -4.71 3.13 7.35
CA HIS B 52 -4.41 4.08 8.43
C HIS B 52 -4.69 3.49 9.81
N GLY B 53 -5.66 2.59 9.90
CA GLY B 53 -5.98 1.92 11.15
C GLY B 53 -6.63 2.64 12.31
N TYR B 54 -7.40 3.69 12.02
CA TYR B 54 -8.08 4.46 13.05
C TYR B 54 -9.41 3.82 13.49
N ASP B 55 -9.91 2.89 12.68
CA ASP B 55 -11.12 2.13 12.95
C ASP B 55 -10.68 0.72 13.35
N VAL B 56 -10.39 0.54 14.63
CA VAL B 56 -9.90 -0.73 15.17
C VAL B 56 -10.92 -1.88 15.29
N VAL B 57 -10.47 -3.10 15.02
CA VAL B 57 -11.34 -4.28 15.11
C VAL B 57 -10.99 -5.12 16.37
N ASP B 58 -9.79 -4.87 16.91
CA ASP B 58 -9.31 -5.55 18.13
C ASP B 58 -8.10 -4.81 18.74
N PHE B 59 -8.25 -4.30 19.96
CA PHE B 59 -7.15 -3.60 20.61
C PHE B 59 -6.20 -4.56 21.28
N TYR B 60 -6.57 -5.83 21.34
CA TYR B 60 -5.69 -6.83 21.96
C TYR B 60 -4.82 -7.60 21.00
N SER B 61 -4.76 -7.13 19.77
CA SER B 61 -3.92 -7.75 18.76
C SER B 61 -3.30 -6.61 17.91
N PHE B 62 -2.04 -6.81 17.48
CA PHE B 62 -1.32 -5.82 16.66
C PHE B 62 -1.49 -6.04 15.15
N LYS B 63 -1.35 -4.96 14.36
CA LYS B 63 -1.47 -5.06 12.90
C LYS B 63 -0.42 -6.05 12.40
N ALA B 64 -0.91 -7.17 11.88
CA ALA B 64 -0.03 -8.23 11.40
C ALA B 64 1.15 -7.76 10.53
N GLU B 65 0.92 -6.77 9.66
CA GLU B 65 1.94 -6.26 8.76
C GLU B 65 3.09 -5.57 9.51
N TYR B 66 2.81 -5.14 10.73
CA TYR B 66 3.81 -4.48 11.54
C TYR B 66 4.65 -5.49 12.29
N GLY B 67 4.05 -6.64 12.62
CA GLY B 67 4.75 -7.67 13.37
C GLY B 67 3.99 -8.24 14.55
N SER B 68 4.65 -9.14 15.27
CA SER B 68 4.10 -9.82 16.44
C SER B 68 4.26 -9.04 17.73
N GLU B 69 3.64 -9.54 18.81
CA GLU B 69 3.77 -8.93 20.12
C GLU B 69 5.23 -9.22 20.57
N ARG B 70 5.78 -10.35 20.13
CA ARG B 70 7.18 -10.70 20.43
C ARG B 70 8.01 -9.49 19.97
N GLU B 71 7.88 -9.15 18.68
CA GLU B 71 8.57 -8.03 18.05
C GLU B 71 8.14 -6.64 18.53
N PHE B 72 6.91 -6.46 18.97
CA PHE B 72 6.53 -5.13 19.46
C PHE B 72 7.36 -4.85 20.74
N LYS B 73 7.40 -5.83 21.65
CA LYS B 73 8.12 -5.72 22.92
C LYS B 73 9.61 -5.55 22.74
N GLU B 74 10.17 -6.20 21.72
CA GLU B 74 11.59 -6.08 21.42
C GLU B 74 11.87 -4.60 21.07
N MET B 75 10.93 -3.95 20.39
CA MET B 75 11.02 -2.55 19.99
C MET B 75 10.88 -1.62 21.20
N ILE B 76 9.92 -1.90 22.07
CA ILE B 76 9.75 -1.09 23.25
C ILE B 76 11.06 -1.10 24.02
N GLU B 77 11.59 -2.28 24.30
CA GLU B 77 12.84 -2.40 25.06
C GLU B 77 14.03 -1.67 24.43
N ALA B 78 14.19 -1.80 23.11
CA ALA B 78 15.29 -1.15 22.38
C ALA B 78 15.26 0.39 22.46
N PHE B 79 14.06 0.97 22.27
CA PHE B 79 13.86 2.41 22.35
C PHE B 79 14.22 2.89 23.75
N HIS B 80 13.72 2.19 24.76
CA HIS B 80 14.01 2.54 26.12
C HIS B 80 15.50 2.47 26.41
N ASP B 81 16.21 1.51 25.81
CA ASP B 81 17.65 1.39 26.02
C ASP B 81 18.38 2.63 25.54
N SER B 82 17.75 3.38 24.65
CA SER B 82 18.35 4.60 24.13
C SER B 82 17.61 5.80 24.71
N GLY B 83 16.95 5.59 25.83
CA GLY B 83 16.22 6.68 26.44
C GLY B 83 15.19 7.35 25.55
N ILE B 84 14.47 6.59 24.74
CA ILE B 84 13.42 7.21 23.93
C ILE B 84 12.08 6.62 24.39
N LYS B 85 11.08 7.48 24.60
CA LYS B 85 9.78 7.00 25.06
C LYS B 85 8.84 6.67 23.90
N VAL B 86 7.94 5.73 24.13
CA VAL B 86 6.98 5.30 23.10
C VAL B 86 5.54 5.65 23.48
N VAL B 87 4.92 6.53 22.71
CA VAL B 87 3.53 6.96 22.95
C VAL B 87 2.66 6.41 21.80
N LEU B 88 1.62 5.65 22.14
CA LEU B 88 0.75 5.04 21.13
C LEU B 88 -0.60 5.73 20.88
N ASP B 89 -0.90 5.99 19.60
CA ASP B 89 -2.16 6.60 19.18
C ASP B 89 -3.21 5.60 19.65
N LEU B 90 -4.17 6.04 20.45
CA LEU B 90 -5.18 5.11 20.97
C LEU B 90 -6.60 5.57 20.71
N PRO B 91 -7.17 5.19 19.57
CA PRO B 91 -8.54 5.57 19.18
C PRO B 91 -9.68 4.89 19.96
N ILE B 92 -9.58 4.89 21.28
CA ILE B 92 -10.61 4.26 22.10
C ILE B 92 -11.94 5.04 22.13
N HIS B 93 -12.01 6.10 21.33
CA HIS B 93 -13.23 6.89 21.25
C HIS B 93 -14.33 6.08 20.55
N HIS B 94 -13.91 5.21 19.62
CA HIS B 94 -14.82 4.38 18.85
C HIS B 94 -14.16 3.06 18.42
N THR B 95 -14.91 2.23 17.70
CA THR B 95 -14.39 0.96 17.18
C THR B 95 -14.74 0.91 15.69
N GLY B 96 -14.28 -0.13 14.99
CA GLY B 96 -14.59 -0.23 13.57
C GLY B 96 -15.89 -1.01 13.45
N PHE B 97 -16.46 -1.06 12.26
CA PHE B 97 -17.71 -1.77 12.02
C PHE B 97 -17.54 -3.26 12.31
N LEU B 98 -16.40 -3.79 11.88
CA LEU B 98 -16.09 -5.20 12.03
C LEU B 98 -15.68 -5.67 13.44
N HIS B 99 -15.58 -4.77 14.40
CA HIS B 99 -15.21 -5.19 15.75
C HIS B 99 -16.29 -6.09 16.34
N THR B 100 -15.86 -7.13 17.07
CA THR B 100 -16.75 -8.10 17.70
C THR B 100 -17.90 -7.54 18.55
N TRP B 101 -17.62 -6.50 19.33
CA TRP B 101 -18.65 -5.84 20.15
C TRP B 101 -19.81 -5.32 19.32
N PHE B 102 -19.48 -4.65 18.20
CA PHE B 102 -20.49 -4.08 17.31
C PHE B 102 -21.28 -5.12 16.54
N GLN B 103 -20.61 -6.19 16.13
CA GLN B 103 -21.34 -7.22 15.39
C GLN B 103 -22.44 -7.75 16.30
N LYS B 104 -22.11 -8.02 17.56
CA LYS B 104 -23.09 -8.51 18.53
C LYS B 104 -24.19 -7.47 18.80
N ALA B 105 -23.82 -6.19 18.85
CA ALA B 105 -24.78 -5.12 19.05
C ALA B 105 -25.78 -5.22 17.89
N LEU B 106 -25.24 -5.25 16.67
CA LEU B 106 -26.05 -5.39 15.46
C LEU B 106 -27.05 -6.53 15.58
N LYS B 107 -26.71 -7.55 16.38
CA LYS B 107 -27.60 -8.69 16.56
C LYS B 107 -28.54 -8.49 17.75
N GLY B 108 -28.48 -7.32 18.37
CA GLY B 108 -29.33 -7.05 19.51
C GLY B 108 -28.89 -7.76 20.78
N ASP B 109 -27.61 -8.14 20.82
CA ASP B 109 -27.07 -8.82 22.00
C ASP B 109 -27.34 -7.85 23.14
N PRO B 110 -28.07 -8.31 24.17
CA PRO B 110 -28.41 -7.48 25.32
C PRO B 110 -27.23 -6.62 25.75
N HIS B 111 -26.25 -7.29 26.34
CA HIS B 111 -25.02 -6.68 26.86
C HIS B 111 -24.29 -5.68 25.96
N TYR B 112 -23.99 -6.12 24.74
CA TYR B 112 -23.26 -5.29 23.79
C TYR B 112 -24.01 -4.23 23.05
N ARG B 113 -25.33 -4.25 23.08
CA ARG B 113 -26.06 -3.21 22.38
C ARG B 113 -25.74 -1.84 23.03
N ASP B 114 -25.63 -1.86 24.37
CA ASP B 114 -25.35 -0.65 25.13
C ASP B 114 -23.89 -0.20 25.14
N TYR B 115 -23.07 -0.84 24.30
CA TYR B 115 -21.66 -0.48 24.17
C TYR B 115 -21.62 0.66 23.14
N TYR B 116 -22.70 0.79 22.38
CA TYR B 116 -22.81 1.83 21.35
C TYR B 116 -23.97 2.80 21.59
N VAL B 117 -24.01 3.85 20.77
CA VAL B 117 -25.01 4.91 20.87
C VAL B 117 -26.17 4.87 19.85
N TRP B 118 -27.32 4.37 20.29
CA TRP B 118 -28.47 4.25 19.40
C TRP B 118 -29.47 5.40 19.43
N ALA B 119 -29.83 5.87 18.24
CA ALA B 119 -30.77 6.98 18.03
C ALA B 119 -32.03 6.86 18.84
N ASN B 120 -32.72 7.99 18.98
CA ASN B 120 -33.95 8.06 19.76
C ASN B 120 -35.15 8.65 19.05
N LYS B 121 -36.27 8.63 19.78
CA LYS B 121 -37.52 9.21 19.30
C LYS B 121 -37.27 10.68 19.54
N GLU B 122 -36.37 10.96 20.48
CA GLU B 122 -36.00 12.30 20.84
C GLU B 122 -34.57 12.65 20.43
N THR B 123 -34.10 12.12 19.30
CA THR B 123 -32.74 12.39 18.79
C THR B 123 -32.85 13.07 17.43
N ASP B 124 -31.95 14.02 17.15
CA ASP B 124 -32.00 14.73 15.86
C ASP B 124 -31.20 13.99 14.77
N LEU B 125 -31.91 13.12 14.04
CA LEU B 125 -31.32 12.30 12.98
C LEU B 125 -30.56 13.06 11.89
N ASP B 126 -30.75 14.38 11.83
CA ASP B 126 -30.07 15.18 10.81
C ASP B 126 -28.96 16.00 11.47
N GLU B 127 -28.68 15.70 12.73
CA GLU B 127 -27.63 16.38 13.46
C GLU B 127 -26.32 16.28 12.70
N ARG B 128 -25.50 17.33 12.78
CA ARG B 128 -24.24 17.32 12.08
C ARG B 128 -23.04 17.68 12.94
N ARG B 129 -21.85 17.30 12.45
CA ARG B 129 -20.59 17.56 13.14
C ARG B 129 -20.04 18.94 12.81
N GLU B 130 -19.45 19.62 13.79
CA GLU B 130 -18.90 20.95 13.56
C GLU B 130 -18.08 20.95 12.27
N TRP B 131 -16.77 20.72 12.40
CA TRP B 131 -15.84 20.67 11.26
C TRP B 131 -16.50 20.59 9.86
N ASP B 132 -16.46 19.41 9.24
CA ASP B 132 -17.04 19.24 7.91
C ASP B 132 -18.56 19.46 7.88
N GLY B 133 -19.20 19.35 9.04
CA GLY B 133 -20.64 19.54 9.10
C GLY B 133 -21.43 18.41 8.44
N GLU B 134 -21.30 17.19 8.96
CA GLU B 134 -22.00 16.04 8.39
C GLU B 134 -22.74 15.21 9.43
N LYS B 135 -23.60 14.29 8.97
CA LYS B 135 -24.36 13.46 9.89
C LYS B 135 -23.55 12.59 10.84
N ILE B 136 -24.00 12.55 12.09
CA ILE B 136 -23.36 11.77 13.12
C ILE B 136 -24.21 10.53 13.30
N TRP B 137 -25.39 10.52 12.68
CA TRP B 137 -26.31 9.39 12.80
C TRP B 137 -26.42 8.60 11.54
N HIS B 138 -26.19 7.30 11.66
CA HIS B 138 -26.22 6.39 10.51
C HIS B 138 -27.32 5.34 10.61
N PRO B 139 -28.04 5.13 9.51
CA PRO B 139 -29.16 4.18 9.35
C PRO B 139 -28.79 2.73 9.20
N LEU B 140 -29.79 1.89 9.43
CA LEU B 140 -29.64 0.45 9.29
C LEU B 140 -30.90 0.01 8.56
N GLU B 141 -30.81 -1.09 7.83
CA GLU B 141 -31.95 -1.62 7.09
C GLU B 141 -33.21 -1.70 7.96
N ASP B 142 -33.06 -2.22 9.16
CA ASP B 142 -34.18 -2.39 10.08
C ASP B 142 -34.56 -1.15 10.88
N GLY B 143 -34.57 0.01 10.24
CA GLY B 143 -34.97 1.22 10.94
C GLY B 143 -34.07 1.80 12.03
N ARG B 144 -33.11 1.05 12.55
CA ARG B 144 -32.22 1.57 13.60
C ARG B 144 -31.21 2.59 13.07
N PHE B 145 -30.71 3.44 13.97
CA PHE B 145 -29.70 4.47 13.68
C PHE B 145 -28.71 4.47 14.84
N TYR B 146 -27.42 4.36 14.54
CA TYR B 146 -26.40 4.42 15.59
C TYR B 146 -25.61 5.69 15.32
N ARG B 147 -24.99 6.23 16.36
CA ARG B 147 -24.18 7.43 16.21
C ARG B 147 -22.73 7.09 15.80
N GLY B 148 -22.20 7.85 14.85
CA GLY B 148 -20.84 7.65 14.36
C GLY B 148 -20.18 8.97 13.96
N LEU B 149 -19.50 9.58 14.92
CA LEU B 149 -18.83 10.86 14.70
C LEU B 149 -17.92 10.86 13.47
N PHE B 150 -17.23 9.75 13.22
CA PHE B 150 -16.34 9.67 12.07
C PHE B 150 -16.89 8.81 10.96
N GLY B 151 -18.22 8.69 10.93
CA GLY B 151 -18.85 7.90 9.87
C GLY B 151 -19.56 6.60 10.24
N PRO B 152 -20.33 6.05 9.28
CA PRO B 152 -21.11 4.81 9.38
C PRO B 152 -20.26 3.60 9.78
N PHE B 153 -18.97 3.70 9.50
CA PHE B 153 -18.05 2.62 9.83
C PHE B 153 -17.16 2.84 11.05
N SER B 154 -17.27 3.99 11.69
CA SER B 154 -16.50 4.22 12.90
C SER B 154 -17.49 4.51 14.05
N PRO B 155 -18.33 3.50 14.39
CA PRO B 155 -19.33 3.62 15.46
C PRO B 155 -18.79 4.13 16.79
N ASP B 156 -19.55 5.02 17.41
CA ASP B 156 -19.21 5.62 18.69
C ASP B 156 -19.43 4.65 19.85
N LEU B 157 -18.44 4.53 20.74
CA LEU B 157 -18.58 3.71 21.95
C LEU B 157 -19.33 4.58 22.95
N ASN B 158 -20.05 3.97 23.88
CA ASN B 158 -20.82 4.71 24.87
C ASN B 158 -20.25 4.75 26.27
N TYR B 159 -19.55 5.83 26.57
CA TYR B 159 -18.92 6.00 27.86
C TYR B 159 -19.83 6.35 29.01
N ASP B 160 -21.14 6.30 28.76
CA ASP B 160 -22.13 6.53 29.81
C ASP B 160 -22.22 5.20 30.53
N ASN B 161 -21.85 4.14 29.81
CA ASN B 161 -21.88 2.79 30.32
C ASN B 161 -20.61 2.46 31.09
N PRO B 162 -20.72 2.22 32.39
CA PRO B 162 -19.56 1.91 33.22
C PRO B 162 -18.71 0.76 32.66
N GLN B 163 -19.36 -0.20 32.01
CA GLN B 163 -18.67 -1.35 31.42
C GLN B 163 -17.69 -0.96 30.32
N VAL B 164 -18.10 -0.02 29.48
CA VAL B 164 -17.24 0.47 28.40
C VAL B 164 -16.03 1.14 29.04
N PHE B 165 -16.26 1.87 30.13
CA PHE B 165 -15.20 2.55 30.86
C PHE B 165 -14.21 1.50 31.36
N ASP B 166 -14.73 0.50 32.05
CA ASP B 166 -13.88 -0.55 32.60
C ASP B 166 -13.16 -1.26 31.49
N GLU B 167 -13.93 -1.68 30.50
CA GLU B 167 -13.40 -2.37 29.35
C GLU B 167 -12.12 -1.65 28.87
N MET B 168 -12.23 -0.36 28.59
CA MET B 168 -11.08 0.40 28.10
C MET B 168 -10.03 0.74 29.19
N LYS B 169 -10.45 0.89 30.43
CA LYS B 169 -9.53 1.21 31.50
C LYS B 169 -8.50 0.08 31.57
N ARG B 170 -8.95 -1.15 31.32
CA ARG B 170 -8.11 -2.36 31.37
C ARG B 170 -7.14 -2.42 30.18
N LEU B 171 -7.61 -2.01 28.99
CA LEU B 171 -6.75 -2.01 27.82
C LEU B 171 -5.55 -1.13 28.13
N VAL B 172 -5.84 0.06 28.64
CA VAL B 172 -4.82 1.03 29.01
C VAL B 172 -3.75 0.42 29.94
N LEU B 173 -4.21 -0.24 30.99
CA LEU B 173 -3.30 -0.90 31.94
C LEU B 173 -2.49 -1.92 31.17
N HIS B 174 -3.18 -2.74 30.39
CA HIS B 174 -2.59 -3.78 29.56
C HIS B 174 -1.40 -3.25 28.73
N LEU B 175 -1.64 -2.10 28.08
CA LEU B 175 -0.61 -1.47 27.26
C LEU B 175 0.51 -0.86 28.12
N LEU B 176 0.15 -0.20 29.22
CA LEU B 176 1.17 0.38 30.10
C LEU B 176 2.02 -0.76 30.70
N ASP B 177 1.39 -1.91 30.89
CA ASP B 177 2.12 -3.04 31.43
C ASP B 177 3.24 -3.42 30.49
N MET B 178 2.98 -3.33 29.20
CA MET B 178 3.99 -3.68 28.20
C MET B 178 5.17 -2.70 28.10
N GLY B 179 5.11 -1.60 28.84
CA GLY B 179 6.20 -0.63 28.78
C GLY B 179 5.85 0.57 27.93
N VAL B 180 4.58 0.66 27.50
CA VAL B 180 4.16 1.79 26.70
C VAL B 180 4.14 3.05 27.62
N ASP B 181 4.77 4.13 27.15
CA ASP B 181 4.89 5.36 27.96
C ASP B 181 3.77 6.41 27.94
N GLY B 182 2.73 6.20 27.14
CA GLY B 182 1.62 7.15 27.08
C GLY B 182 0.69 6.95 25.89
N PHE B 183 -0.36 7.76 25.78
CA PHE B 183 -1.30 7.60 24.66
C PHE B 183 -1.67 8.94 24.07
N ARG B 184 -2.21 8.91 22.86
CA ARG B 184 -2.66 10.11 22.17
C ARG B 184 -4.11 9.76 21.94
N PHE B 185 -5.01 10.50 22.58
CA PHE B 185 -6.42 10.22 22.42
C PHE B 185 -7.03 11.14 21.35
N ASP B 186 -7.64 10.58 20.32
CA ASP B 186 -8.25 11.44 19.31
C ASP B 186 -9.71 11.69 19.73
N ALA B 187 -10.32 12.72 19.15
CA ALA B 187 -11.71 13.11 19.45
C ALA B 187 -11.95 13.07 20.96
N ALA B 188 -10.90 13.39 21.71
CA ALA B 188 -10.95 13.40 23.16
C ALA B 188 -11.98 14.36 23.75
N LYS B 189 -12.44 15.31 22.94
CA LYS B 189 -13.44 16.29 23.36
C LYS B 189 -14.87 15.73 23.33
N HIS B 190 -15.07 14.70 22.52
CA HIS B 190 -16.38 14.09 22.37
C HIS B 190 -16.60 12.77 23.12
N MET B 191 -15.93 12.59 24.25
CA MET B 191 -16.07 11.37 25.01
C MET B 191 -17.42 11.29 25.70
N ARG B 192 -17.95 12.41 26.18
CA ARG B 192 -19.28 12.48 26.80
C ARG B 192 -20.04 13.59 26.12
N ASP B 193 -21.36 13.46 26.09
CA ASP B 193 -22.22 14.44 25.41
C ASP B 193 -22.08 15.91 25.80
N THR B 194 -21.83 16.19 27.07
CA THR B 194 -21.67 17.57 27.53
C THR B 194 -20.25 17.76 28.02
N ILE B 195 -19.62 18.87 27.64
CA ILE B 195 -18.23 19.17 28.00
C ILE B 195 -17.95 19.23 29.50
N GLU B 196 -19.00 19.30 30.31
CA GLU B 196 -18.82 19.31 31.75
C GLU B 196 -18.65 17.86 32.21
N GLN B 197 -19.18 16.95 31.39
CA GLN B 197 -19.12 15.49 31.63
C GLN B 197 -17.82 14.90 31.10
N ASN B 198 -17.41 15.37 29.93
CA ASN B 198 -16.20 14.91 29.28
C ASN B 198 -15.07 15.06 30.29
N VAL B 199 -14.96 16.27 30.82
CA VAL B 199 -13.93 16.60 31.79
C VAL B 199 -13.97 15.63 32.97
N ARG B 200 -15.18 15.34 33.44
CA ARG B 200 -15.36 14.41 34.55
C ARG B 200 -14.74 13.07 34.17
N PHE B 201 -15.10 12.59 32.98
CA PHE B 201 -14.61 11.32 32.45
C PHE B 201 -13.10 11.24 32.59
N TRP B 202 -12.42 11.99 31.72
CA TRP B 202 -10.96 12.03 31.71
C TRP B 202 -10.32 12.19 33.08
N LYS B 203 -10.98 12.91 33.99
CA LYS B 203 -10.41 13.07 35.31
C LYS B 203 -10.34 11.71 35.94
N TYR B 204 -11.43 10.97 35.85
CA TYR B 204 -11.50 9.64 36.45
C TYR B 204 -10.73 8.56 35.73
N PHE B 205 -10.84 8.57 34.40
CA PHE B 205 -10.14 7.57 33.60
C PHE B 205 -8.64 7.65 33.89
N LEU B 206 -8.08 8.85 33.74
CA LEU B 206 -6.65 9.11 33.94
C LEU B 206 -6.21 9.28 35.40
N SER B 207 -7.16 9.52 36.26
CA SER B 207 -6.92 9.73 37.69
C SER B 207 -5.72 9.02 38.35
N ASP B 208 -5.74 7.69 38.34
CA ASP B 208 -4.70 6.90 38.99
C ASP B 208 -3.59 6.35 38.10
N LEU B 209 -3.40 6.91 36.92
CA LEU B 209 -2.35 6.45 35.99
C LEU B 209 -1.26 7.49 35.77
N LYS B 210 -0.08 7.01 35.37
CA LYS B 210 1.02 7.92 35.11
C LYS B 210 1.62 7.72 33.71
N GLY B 211 1.72 8.80 32.95
CA GLY B 211 2.28 8.72 31.60
C GLY B 211 2.03 9.96 30.74
N ILE B 212 2.50 9.93 29.49
CA ILE B 212 2.31 11.05 28.57
C ILE B 212 0.96 10.91 27.84
N PHE B 213 0.03 11.81 28.13
CA PHE B 213 -1.29 11.76 27.52
C PHE B 213 -1.55 12.97 26.65
N LEU B 214 -1.47 12.78 25.34
CA LEU B 214 -1.70 13.83 24.33
C LEU B 214 -3.16 13.85 23.88
N ALA B 215 -3.70 15.06 23.68
CA ALA B 215 -5.09 15.19 23.24
C ALA B 215 -5.37 16.48 22.48
N GLU B 216 -6.46 16.49 21.72
CA GLU B 216 -6.89 17.68 20.99
C GLU B 216 -8.26 18.05 21.56
N ILE B 217 -8.32 19.19 22.23
CA ILE B 217 -9.58 19.65 22.78
C ILE B 217 -9.76 21.11 22.28
N TRP B 218 -10.60 21.25 21.25
CA TRP B 218 -10.92 22.52 20.57
C TRP B 218 -11.89 23.47 21.28
N ALA B 219 -11.90 23.50 22.62
CA ALA B 219 -12.79 24.43 23.33
C ALA B 219 -12.20 25.84 23.18
N GLU B 220 -11.37 25.98 22.13
CA GLU B 220 -10.67 27.21 21.72
C GLU B 220 -10.04 28.05 22.84
N ALA B 221 -9.15 27.43 23.61
CA ALA B 221 -8.45 28.08 24.72
C ALA B 221 -9.34 28.36 25.94
N ARG B 222 -10.59 27.93 25.89
CA ARG B 222 -11.53 28.14 26.98
C ARG B 222 -11.48 27.02 28.02
N MET B 223 -12.20 25.94 27.74
CA MET B 223 -12.27 24.76 28.60
C MET B 223 -10.94 24.04 28.43
N VAL B 224 -10.27 24.38 27.32
CA VAL B 224 -8.99 23.82 26.94
C VAL B 224 -8.00 23.67 28.07
N ASP B 225 -8.00 24.62 29.00
CA ASP B 225 -7.06 24.57 30.10
C ASP B 225 -7.53 23.66 31.24
N GLU B 226 -8.83 23.33 31.25
CA GLU B 226 -9.36 22.46 32.28
C GLU B 226 -8.90 21.04 31.99
N HIS B 227 -8.90 20.68 30.72
CA HIS B 227 -8.45 19.36 30.27
C HIS B 227 -6.91 19.28 30.33
N GLY B 228 -6.27 20.44 30.18
CA GLY B 228 -4.82 20.53 30.20
C GLY B 228 -4.20 20.17 31.53
N ARG B 229 -4.89 20.46 32.61
CA ARG B 229 -4.39 20.14 33.94
C ARG B 229 -4.45 18.62 34.16
N ILE B 230 -5.37 17.96 33.46
CA ILE B 230 -5.60 16.52 33.55
C ILE B 230 -4.70 15.64 32.67
N PHE B 231 -4.42 16.06 31.45
CA PHE B 231 -3.55 15.30 30.55
C PHE B 231 -2.10 15.70 30.77
N GLY B 232 -1.92 17.01 30.97
CA GLY B 232 -0.59 17.55 31.18
C GLY B 232 0.08 17.94 29.88
N TYR B 233 -0.57 17.57 28.77
CA TYR B 233 -0.05 17.88 27.45
C TYR B 233 -1.25 18.26 26.60
N MET B 234 -1.07 19.26 25.74
CA MET B 234 -2.17 19.69 24.89
C MET B 234 -1.66 19.95 23.48
N LEU B 235 -2.25 19.27 22.51
CA LEU B 235 -1.86 19.46 21.13
C LEU B 235 -2.32 20.86 20.74
N ASN B 236 -1.37 21.77 20.67
CA ASN B 236 -1.64 23.14 20.34
C ASN B 236 -1.84 23.35 18.83
N PHE B 237 -3.01 22.96 18.33
CA PHE B 237 -3.36 23.09 16.91
C PHE B 237 -3.34 24.56 16.47
N ASP B 238 -3.60 25.43 17.44
CA ASP B 238 -3.64 26.89 17.29
C ASP B 238 -2.34 27.48 16.76
N THR B 239 -1.35 27.61 17.63
CA THR B 239 -0.06 28.16 17.25
C THR B 239 0.65 27.38 16.14
N SER B 240 0.36 26.08 16.06
CA SER B 240 0.98 25.26 15.03
C SER B 240 0.53 25.77 13.67
N HIS B 241 -0.72 26.25 13.57
CA HIS B 241 -1.17 26.76 12.29
C HIS B 241 -0.67 28.19 12.06
N CYS B 242 -0.74 29.02 13.10
CA CYS B 242 -0.32 30.41 13.02
C CYS B 242 1.13 30.63 12.68
N ILE B 243 1.99 29.66 12.99
CA ILE B 243 3.40 29.80 12.65
C ILE B 243 3.48 29.75 11.14
N LYS B 244 2.83 28.75 10.56
CA LYS B 244 2.82 28.59 9.11
C LYS B 244 2.08 29.72 8.40
N GLU B 245 0.98 30.18 8.99
CA GLU B 245 0.19 31.26 8.41
C GLU B 245 1.06 32.51 8.33
N ALA B 246 1.66 32.86 9.47
CA ALA B 246 2.54 34.02 9.57
C ALA B 246 3.70 33.99 8.55
N VAL B 247 4.49 32.93 8.57
CA VAL B 247 5.62 32.78 7.65
C VAL B 247 5.18 33.07 6.22
N TRP B 248 3.99 32.57 5.91
CA TRP B 248 3.32 32.66 4.60
C TRP B 248 2.95 34.08 4.18
N LYS B 249 2.63 34.91 5.17
CA LYS B 249 2.25 36.28 4.88
C LYS B 249 3.37 37.24 5.20
N GLU B 250 4.38 36.73 5.91
CA GLU B 250 5.51 37.54 6.34
C GLU B 250 4.98 38.64 7.25
N ASN B 251 3.95 38.35 8.02
CA ASN B 251 3.35 39.32 8.92
C ASN B 251 3.10 38.75 10.32
N THR B 252 3.91 39.19 11.28
CA THR B 252 3.86 38.73 12.66
C THR B 252 2.58 38.98 13.48
N ARG B 253 1.51 39.47 12.87
CA ARG B 253 0.31 39.72 13.67
C ARG B 253 -0.31 38.44 14.28
N VAL B 254 -0.67 37.46 13.46
CA VAL B 254 -1.28 36.19 13.91
C VAL B 254 -0.44 35.35 14.88
N LEU B 255 0.88 35.37 14.70
CA LEU B 255 1.79 34.61 15.56
C LEU B 255 1.89 35.19 16.98
N ILE B 256 1.88 36.52 17.08
CA ILE B 256 1.98 37.21 18.36
C ILE B 256 0.71 37.05 19.15
N GLU B 257 -0.42 37.24 18.48
CA GLU B 257 -1.70 37.07 19.15
C GLU B 257 -1.90 35.59 19.48
N SER B 258 -1.42 34.71 18.61
CA SER B 258 -1.53 33.27 18.84
C SER B 258 -0.66 32.87 20.02
N ILE B 259 0.57 33.39 20.06
CA ILE B 259 1.50 33.08 21.14
C ILE B 259 0.91 33.52 22.47
N GLU B 260 0.30 34.71 22.47
CA GLU B 260 -0.31 35.30 23.66
C GLU B 260 -1.54 34.49 24.11
N ARG B 261 -2.17 33.86 23.15
CA ARG B 261 -3.37 33.07 23.37
C ARG B 261 -3.18 31.61 23.87
N ALA B 262 -2.18 30.91 23.32
CA ALA B 262 -1.95 29.50 23.65
C ALA B 262 -0.67 29.06 24.38
N VAL B 263 0.45 29.71 24.10
CA VAL B 263 1.72 29.33 24.70
C VAL B 263 1.98 29.95 26.08
N ILE B 264 1.71 31.25 26.19
CA ILE B 264 1.98 31.98 27.43
C ILE B 264 1.08 31.73 28.64
N ALA B 265 1.72 31.46 29.78
CA ALA B 265 1.04 31.26 31.04
C ALA B 265 0.06 30.09 31.15
N LYS B 266 0.46 28.90 30.68
CA LYS B 266 -0.41 27.72 30.76
C LYS B 266 0.14 26.76 31.81
N ASP B 267 -0.75 26.08 32.52
CA ASP B 267 -0.36 25.14 33.57
C ASP B 267 -0.11 23.70 33.06
N TYR B 268 0.27 23.60 31.79
CA TYR B 268 0.55 22.32 31.15
C TYR B 268 1.41 22.64 29.95
N LEU B 269 1.93 21.60 29.31
CA LEU B 269 2.78 21.77 28.15
C LEU B 269 2.05 21.73 26.83
N PRO B 270 2.13 22.84 26.06
CA PRO B 270 1.47 22.87 24.75
C PRO B 270 2.40 22.14 23.80
N VAL B 271 1.88 21.28 22.93
CA VAL B 271 2.75 20.60 22.00
C VAL B 271 2.55 21.22 20.62
N ASN B 272 3.63 21.82 20.12
CA ASN B 272 3.62 22.51 18.85
C ASN B 272 4.25 21.62 17.80
N PHE B 273 3.47 21.33 16.75
CA PHE B 273 3.89 20.43 15.68
C PHE B 273 3.97 21.03 14.26
N THR B 274 4.79 20.42 13.41
CA THR B 274 4.95 20.87 12.01
C THR B 274 3.68 20.59 11.21
N SER B 275 3.09 19.42 11.41
CA SER B 275 1.84 18.98 10.77
C SER B 275 1.41 17.59 11.28
N ASN B 276 0.36 17.04 10.70
CA ASN B 276 -0.09 15.70 11.07
C ASN B 276 -0.85 15.00 9.94
N HIS B 277 -1.18 13.73 10.16
CA HIS B 277 -1.86 12.94 9.13
C HIS B 277 -3.15 13.55 8.58
N ASP B 278 -3.69 14.55 9.27
CA ASP B 278 -4.93 15.19 8.86
C ASP B 278 -4.88 16.48 8.04
N MET B 279 -3.70 16.90 7.60
CA MET B 279 -3.59 18.12 6.80
C MET B 279 -2.42 18.03 5.87
N SER B 280 -2.24 19.05 5.04
CA SER B 280 -1.13 19.05 4.10
C SER B 280 0.21 19.14 4.86
N ARG B 281 1.28 18.66 4.24
CA ARG B 281 2.61 18.69 4.84
C ARG B 281 3.03 20.13 5.05
N LEU B 282 3.93 20.37 5.99
CA LEU B 282 4.42 21.72 6.22
C LEU B 282 4.85 22.30 4.88
N ALA B 283 5.77 21.62 4.23
CA ALA B 283 6.28 22.06 2.95
C ALA B 283 5.21 22.31 1.88
N SER B 284 4.02 21.73 2.03
CA SER B 284 2.97 21.91 1.04
C SER B 284 1.83 22.81 1.55
N PHE B 285 2.17 23.68 2.50
CA PHE B 285 1.23 24.60 3.12
C PHE B 285 0.83 25.76 2.19
N GLU B 286 -0.48 25.90 1.95
CA GLU B 286 -1.01 26.98 1.10
C GLU B 286 -0.17 27.18 -0.15
N GLY B 287 -0.36 26.29 -1.11
CA GLY B 287 0.40 26.37 -2.34
C GLY B 287 1.79 25.88 -2.01
N GLY B 288 2.03 25.74 -0.71
CA GLY B 288 3.31 25.28 -0.22
C GLY B 288 4.33 26.40 -0.24
N PHE B 289 5.52 26.16 0.31
CA PHE B 289 6.56 27.16 0.26
C PHE B 289 8.01 26.71 0.21
N SER B 290 8.85 27.68 -0.13
CA SER B 290 10.31 27.54 -0.31
C SER B 290 11.15 26.99 0.82
N LYS B 291 12.33 26.53 0.45
CA LYS B 291 13.28 26.00 1.42
C LYS B 291 13.43 27.02 2.56
N GLU B 292 13.59 28.29 2.19
CA GLU B 292 13.77 29.39 3.13
C GLU B 292 12.67 29.50 4.20
N LYS B 293 11.41 29.38 3.76
CA LYS B 293 10.26 29.50 4.66
C LYS B 293 10.06 28.24 5.51
N ILE B 294 10.40 27.10 4.92
CA ILE B 294 10.30 25.81 5.62
C ILE B 294 11.28 25.88 6.79
N LYS B 295 12.47 26.40 6.53
CA LYS B 295 13.50 26.55 7.55
C LYS B 295 13.11 27.50 8.68
N LEU B 296 12.42 28.58 8.33
CA LEU B 296 11.97 29.54 9.32
C LEU B 296 10.93 28.93 10.26
N SER B 297 9.90 28.29 9.71
CA SER B 297 8.84 27.63 10.50
C SER B 297 9.45 26.76 11.57
N ILE B 298 10.43 25.96 11.15
CA ILE B 298 11.15 25.06 12.04
C ILE B 298 11.86 25.89 13.13
N SER B 299 12.62 26.90 12.69
CA SER B 299 13.36 27.79 13.58
C SER B 299 12.44 28.37 14.63
N ILE B 300 11.26 28.81 14.19
CA ILE B 300 10.28 29.38 15.09
C ILE B 300 9.70 28.28 15.98
N LEU B 301 9.57 27.06 15.46
CA LEU B 301 9.02 26.00 16.27
C LEU B 301 9.94 25.63 17.42
N PHE B 302 11.23 25.56 17.14
CA PHE B 302 12.17 25.19 18.17
C PHE B 302 12.63 26.29 19.12
N THR B 303 11.97 27.44 19.05
CA THR B 303 12.31 28.56 19.91
C THR B 303 11.08 29.14 20.61
N LEU B 304 10.17 28.26 20.97
CA LEU B 304 8.96 28.65 21.68
C LEU B 304 8.82 27.71 22.87
N PRO B 305 8.23 28.17 23.97
CA PRO B 305 8.08 27.27 25.11
C PRO B 305 7.13 26.14 24.65
N GLY B 306 6.97 25.10 25.47
CA GLY B 306 6.13 23.99 25.05
C GLY B 306 7.02 22.89 24.50
N VAL B 307 6.40 21.88 23.88
CA VAL B 307 7.12 20.74 23.30
C VAL B 307 7.03 20.69 21.77
N PRO B 308 8.19 20.73 21.07
CA PRO B 308 8.22 20.69 19.61
C PRO B 308 8.08 19.26 19.08
N LEU B 309 7.21 19.07 18.10
CA LEU B 309 6.95 17.76 17.49
C LEU B 309 7.01 17.86 15.97
N VAL B 310 7.75 16.93 15.37
CA VAL B 310 7.92 16.85 13.93
C VAL B 310 7.15 15.63 13.41
N PHE B 311 6.38 15.83 12.35
CA PHE B 311 5.64 14.73 11.73
C PHE B 311 6.70 14.08 10.82
N TYR B 312 6.87 12.76 10.91
CA TYR B 312 7.91 12.04 10.14
C TYR B 312 8.12 12.52 8.71
N GLY B 313 9.36 12.90 8.40
CA GLY B 313 9.68 13.38 7.07
C GLY B 313 9.61 14.91 6.91
N ASP B 314 9.10 15.61 7.92
CA ASP B 314 9.02 17.05 7.81
C ASP B 314 10.42 17.61 7.90
N GLU B 315 11.30 16.91 8.62
CA GLU B 315 12.69 17.37 8.74
C GLU B 315 13.43 17.29 7.39
N LEU B 316 12.71 16.94 6.33
CA LEU B 316 13.31 16.86 4.99
C LEU B 316 12.63 17.77 3.94
N GLY B 317 11.41 18.24 4.24
CA GLY B 317 10.69 19.05 3.27
C GLY B 317 9.83 18.17 2.37
N MET B 318 9.39 17.02 2.89
CA MET B 318 8.57 16.09 2.13
C MET B 318 7.27 16.80 1.78
N LYS B 319 6.87 16.64 0.51
CA LYS B 319 5.65 17.22 -0.04
C LYS B 319 4.42 16.35 0.19
N GLY B 320 3.26 17.00 0.28
CA GLY B 320 2.02 16.28 0.46
C GLY B 320 0.78 17.16 0.57
N VAL B 321 -0.04 17.19 -0.47
CA VAL B 321 -1.25 18.01 -0.44
C VAL B 321 -2.41 17.15 0.00
N TYR B 322 -2.89 17.40 1.21
CA TYR B 322 -3.98 16.62 1.78
C TYR B 322 -5.24 16.70 0.97
N GLN B 323 -5.92 15.56 0.85
CA GLN B 323 -7.19 15.47 0.12
C GLN B 323 -7.85 14.16 0.50
N LYS B 324 -9.16 14.05 0.26
CA LYS B 324 -9.87 12.82 0.58
C LYS B 324 -10.38 12.19 -0.72
N PRO B 325 -10.77 10.91 -0.67
CA PRO B 325 -10.76 9.98 0.47
C PRO B 325 -9.44 9.25 0.59
N ASN B 326 -8.56 9.49 -0.37
CA ASN B 326 -7.23 8.87 -0.40
C ASN B 326 -6.24 9.67 0.44
N THR B 327 -6.48 9.68 1.74
CA THR B 327 -5.67 10.41 2.71
C THR B 327 -4.24 9.86 2.83
N GLU B 328 -3.95 8.83 2.06
CA GLU B 328 -2.62 8.25 2.09
C GLU B 328 -1.65 9.12 1.32
N VAL B 329 -2.14 10.15 0.64
CA VAL B 329 -1.27 11.03 -0.14
C VAL B 329 -0.23 11.79 0.68
N VAL B 330 -0.50 11.98 1.97
CA VAL B 330 0.45 12.68 2.84
C VAL B 330 1.22 11.70 3.69
N LEU B 331 1.10 10.41 3.35
CA LEU B 331 1.81 9.37 4.09
C LEU B 331 2.88 8.69 3.24
N ASP B 332 3.49 9.44 2.35
CA ASP B 332 4.54 8.92 1.48
C ASP B 332 5.70 8.19 2.19
N PRO B 333 6.28 7.19 1.50
CA PRO B 333 7.39 6.45 2.10
C PRO B 333 8.53 7.41 2.45
N PHE B 334 9.10 7.24 3.64
CA PHE B 334 10.22 8.04 4.10
C PHE B 334 11.40 7.62 3.23
N PRO B 335 12.05 8.57 2.53
CA PRO B 335 13.21 8.34 1.64
C PRO B 335 14.57 8.29 2.35
N TRP B 336 15.10 7.09 2.52
CA TRP B 336 16.40 6.92 3.18
C TRP B 336 17.57 7.31 2.29
N ASN B 337 17.46 7.02 0.99
CA ASN B 337 18.49 7.40 0.02
C ASN B 337 17.79 7.82 -1.28
N GLU B 338 18.52 8.45 -2.19
CA GLU B 338 17.92 8.93 -3.44
C GLU B 338 17.23 7.91 -4.30
N SER B 339 17.85 6.74 -4.46
CA SER B 339 17.27 5.67 -5.26
C SER B 339 16.12 4.96 -4.52
N MET B 340 16.01 5.26 -3.22
CA MET B 340 15.01 4.63 -2.37
C MET B 340 15.17 3.12 -2.47
N CYS B 341 16.42 2.71 -2.54
CA CYS B 341 16.80 1.31 -2.63
C CYS B 341 17.95 1.09 -1.65
N VAL B 342 17.61 0.78 -0.41
CA VAL B 342 18.59 0.50 0.64
C VAL B 342 17.83 -0.31 1.69
N GLU B 343 18.49 -1.29 2.31
CA GLU B 343 17.79 -2.11 3.27
C GLU B 343 17.25 -1.14 4.30
N GLY B 344 15.99 -1.37 4.69
CA GLY B 344 15.34 -0.50 5.65
C GLY B 344 14.30 0.37 4.96
N GLN B 345 14.48 0.55 3.65
CA GLN B 345 13.61 1.40 2.85
C GLN B 345 12.22 0.79 2.63
N THR B 346 11.19 1.63 2.75
CA THR B 346 9.82 1.18 2.51
C THR B 346 9.38 1.60 1.10
N PHE B 347 8.63 0.77 0.40
CA PHE B 347 8.16 1.11 -0.94
C PHE B 347 6.88 0.33 -1.25
N TRP B 348 5.85 0.50 -0.42
CA TRP B 348 4.61 -0.25 -0.60
C TRP B 348 3.66 0.28 -1.67
N LYS B 349 3.99 1.43 -2.25
CA LYS B 349 3.20 1.99 -3.34
C LYS B 349 4.08 3.07 -3.96
N TRP B 350 3.75 3.55 -5.15
CA TRP B 350 4.57 4.58 -5.74
C TRP B 350 4.29 5.88 -5.01
N PRO B 351 5.35 6.64 -4.64
CA PRO B 351 5.15 7.90 -3.93
C PRO B 351 4.17 8.79 -4.67
N ALA B 352 3.31 9.48 -3.93
CA ALA B 352 2.33 10.38 -4.52
C ALA B 352 2.92 11.79 -4.73
N TYR B 353 3.81 12.23 -3.84
CA TYR B 353 4.43 13.54 -3.93
C TYR B 353 5.94 13.56 -3.72
N ASN B 354 6.55 12.39 -3.54
CA ASN B 354 8.00 12.31 -3.31
C ASN B 354 8.69 11.11 -3.97
N GLY B 355 8.67 11.07 -5.30
CA GLY B 355 9.29 9.98 -6.02
C GLY B 355 10.78 10.03 -5.86
N PRO B 356 11.50 8.94 -6.17
CA PRO B 356 12.96 8.85 -6.06
C PRO B 356 13.80 9.86 -6.85
N PHE B 357 14.99 10.17 -6.32
CA PHE B 357 15.92 11.12 -6.93
C PHE B 357 15.40 12.56 -6.94
N SER B 358 14.74 12.96 -5.85
CA SER B 358 14.19 14.31 -5.75
C SER B 358 15.04 15.15 -4.81
N GLY B 359 16.18 14.60 -4.40
CA GLY B 359 17.08 15.33 -3.51
C GLY B 359 16.57 15.63 -2.10
N ILE B 360 15.78 14.72 -1.53
CA ILE B 360 15.29 14.94 -0.17
C ILE B 360 15.52 13.76 0.76
N SER B 361 16.26 12.76 0.29
CA SER B 361 16.54 11.59 1.11
C SER B 361 17.51 11.94 2.24
N VAL B 362 17.40 11.20 3.34
CA VAL B 362 18.24 11.41 4.48
C VAL B 362 19.70 11.39 4.05
N GLU B 363 20.06 10.39 3.25
CA GLU B 363 21.43 10.23 2.78
C GLU B 363 21.93 11.42 2.01
N TYR B 364 21.12 11.93 1.09
CA TYR B 364 21.50 13.06 0.29
C TYR B 364 21.63 14.39 1.09
N GLN B 365 20.62 14.69 1.90
CA GLN B 365 20.62 15.91 2.70
C GLN B 365 21.65 15.95 3.83
N LYS B 366 22.09 14.77 4.28
CA LYS B 366 23.05 14.66 5.36
C LYS B 366 24.41 15.26 5.03
N ARG B 367 24.82 15.20 3.77
CA ARG B 367 26.12 15.76 3.40
C ARG B 367 25.97 17.17 2.80
N ASP B 368 25.01 17.93 3.31
CA ASP B 368 24.76 19.27 2.79
C ASP B 368 24.32 20.20 3.92
N PRO B 369 25.26 21.00 4.47
CA PRO B 369 24.95 21.92 5.57
C PRO B 369 23.99 23.04 5.20
N ASP B 370 23.33 22.93 4.07
CA ASP B 370 22.38 23.93 3.64
C ASP B 370 20.97 23.29 3.58
N SER B 371 20.91 21.96 3.74
CA SER B 371 19.67 21.19 3.68
C SER B 371 18.72 21.46 4.86
N ILE B 372 17.46 21.10 4.70
CA ILE B 372 16.49 21.30 5.78
C ILE B 372 16.86 20.40 6.96
N LEU B 373 17.34 19.21 6.64
CA LEU B 373 17.72 18.25 7.69
C LEU B 373 18.85 18.77 8.56
N SER B 374 19.86 19.38 7.93
CA SER B 374 20.98 19.92 8.68
C SER B 374 20.48 21.03 9.60
N HIS B 375 19.54 21.82 9.09
CA HIS B 375 18.94 22.92 9.81
C HIS B 375 18.18 22.39 11.02
N THR B 376 17.32 21.39 10.78
CA THR B 376 16.54 20.80 11.86
C THR B 376 17.46 20.18 12.91
N LEU B 377 18.48 19.46 12.43
CA LEU B 377 19.44 18.81 13.31
C LEU B 377 20.07 19.83 14.25
N GLY B 378 20.32 21.02 13.70
CA GLY B 378 20.91 22.10 14.47
C GLY B 378 19.99 22.59 15.58
N TRP B 379 18.69 22.68 15.28
CA TRP B 379 17.69 23.10 16.27
C TRP B 379 17.37 22.04 17.32
N THR B 380 17.50 20.78 16.94
CA THR B 380 17.27 19.70 17.90
C THR B 380 18.50 19.60 18.82
N ARG B 381 19.67 19.90 18.28
CA ARG B 381 20.88 19.87 19.11
C ARG B 381 20.76 20.99 20.13
N PHE B 382 20.31 22.16 19.69
CA PHE B 382 20.13 23.33 20.55
C PHE B 382 19.09 23.07 21.61
N ARG B 383 17.92 22.65 21.15
CA ARG B 383 16.84 22.40 22.09
C ARG B 383 17.23 21.31 23.09
N LYS B 384 18.09 20.38 22.65
CA LYS B 384 18.54 19.30 23.50
C LYS B 384 19.44 19.83 24.59
N GLU B 385 20.17 20.89 24.30
CA GLU B 385 21.06 21.48 25.28
C GLU B 385 20.39 22.55 26.13
N ASN B 386 19.11 22.82 25.87
CA ASN B 386 18.35 23.80 26.63
C ASN B 386 16.99 23.30 27.07
N GLN B 387 17.00 22.38 28.03
CA GLN B 387 15.76 21.82 28.55
C GLN B 387 14.86 22.93 29.07
N TRP B 388 15.39 23.72 30.00
CA TRP B 388 14.64 24.82 30.63
C TRP B 388 13.59 25.57 29.79
N ILE B 389 13.77 25.56 28.47
CA ILE B 389 12.85 26.28 27.60
C ILE B 389 11.38 25.83 27.61
N ASP B 390 11.14 24.51 27.63
CA ASP B 390 9.77 23.95 27.63
C ASP B 390 8.87 24.66 28.64
N ARG B 391 9.43 24.92 29.81
CA ARG B 391 8.70 25.56 30.90
C ARG B 391 9.15 27.01 31.08
N ALA B 392 9.79 27.57 30.06
CA ALA B 392 10.26 28.94 30.15
C ALA B 392 9.18 29.98 29.91
N LYS B 393 9.49 31.22 30.28
CA LYS B 393 8.59 32.34 30.09
C LYS B 393 9.13 33.14 28.92
N LEU B 394 8.25 33.70 28.11
CA LEU B 394 8.68 34.54 27.00
C LEU B 394 7.96 35.88 27.07
N GLU B 395 8.74 36.94 26.99
CA GLU B 395 8.20 38.29 27.00
C GLU B 395 8.73 38.95 25.74
N PHE B 396 7.85 39.68 25.07
CA PHE B 396 8.19 40.37 23.84
C PHE B 396 9.10 41.57 24.06
N LEU B 397 10.11 41.70 23.21
CA LEU B 397 11.04 42.81 23.29
C LEU B 397 10.85 43.71 22.08
N CYS B 398 10.16 43.19 21.08
CA CYS B 398 9.93 43.98 19.88
C CYS B 398 8.89 43.34 18.97
N LYS B 399 8.00 44.15 18.44
CA LYS B 399 6.98 43.66 17.54
C LYS B 399 6.85 44.59 16.35
N GLU B 400 7.15 44.06 15.17
CA GLU B 400 7.03 44.82 13.95
C GLU B 400 6.27 43.92 12.99
N ASP B 401 5.67 44.51 11.95
CA ASP B 401 4.93 43.72 11.00
C ASP B 401 5.82 42.70 10.27
N LYS B 402 7.08 43.04 10.08
CA LYS B 402 8.01 42.18 9.35
C LYS B 402 8.92 41.23 10.17
N PHE B 403 9.17 41.58 11.43
CA PHE B 403 10.00 40.74 12.27
C PHE B 403 9.46 40.60 13.68
N LEU B 404 10.26 40.00 14.55
CA LEU B 404 9.81 39.75 15.91
C LEU B 404 10.99 39.44 16.82
N VAL B 405 10.92 39.94 18.04
CA VAL B 405 11.97 39.70 19.02
C VAL B 405 11.35 39.47 20.38
N TYR B 406 11.77 38.41 21.04
CA TYR B 406 11.28 38.07 22.36
C TYR B 406 12.39 37.40 23.14
N ARG B 407 12.15 37.26 24.43
CA ARG B 407 13.14 36.67 25.31
C ARG B 407 12.55 35.51 26.09
N LEU B 408 13.29 34.40 26.07
CA LEU B 408 12.94 33.17 26.77
C LEU B 408 13.77 33.22 28.05
N TYR B 409 13.16 32.91 29.20
CA TYR B 409 13.94 32.98 30.43
C TYR B 409 13.27 32.25 31.60
N ASP B 410 14.05 32.02 32.65
CA ASP B 410 13.55 31.42 33.87
C ASP B 410 14.45 31.97 34.98
N ASP B 411 14.24 31.58 36.23
CA ASP B 411 15.08 32.10 37.31
C ASP B 411 16.58 32.16 37.03
N GLN B 412 17.10 31.19 36.27
CA GLN B 412 18.54 31.14 35.99
C GLN B 412 18.98 31.09 34.52
N HIS B 413 18.06 31.26 33.59
CA HIS B 413 18.40 31.22 32.18
C HIS B 413 17.75 32.36 31.42
N SER B 414 18.47 32.94 30.46
CA SER B 414 17.90 34.00 29.64
C SER B 414 18.45 33.91 28.20
N LEU B 415 17.55 33.99 27.21
CA LEU B 415 17.91 33.88 25.79
C LEU B 415 17.04 34.78 24.90
N LYS B 416 17.69 35.62 24.08
CA LYS B 416 16.99 36.54 23.19
C LYS B 416 16.88 35.92 21.81
N VAL B 417 15.66 35.92 21.25
CA VAL B 417 15.45 35.36 19.92
C VAL B 417 14.92 36.42 18.93
N PHE B 418 15.59 36.48 17.78
CA PHE B 418 15.26 37.43 16.71
C PHE B 418 14.85 36.66 15.45
N HIS B 419 13.62 36.87 14.98
CA HIS B 419 13.11 36.22 13.77
C HIS B 419 12.76 37.24 12.66
N ASN B 420 13.12 36.93 11.42
CA ASN B 420 12.80 37.82 10.30
C ASN B 420 11.94 37.07 9.26
N LEU B 421 10.69 37.49 9.15
CA LEU B 421 9.71 36.88 8.24
C LEU B 421 9.61 37.50 6.85
N SER B 422 10.32 38.60 6.64
CA SER B 422 10.27 39.28 5.35
C SER B 422 11.43 38.90 4.44
N GLY B 423 11.27 39.20 3.15
CA GLY B 423 12.29 38.88 2.17
C GLY B 423 13.40 39.92 2.10
N GLU B 424 13.38 40.89 3.02
CA GLU B 424 14.40 41.93 3.03
C GLU B 424 15.03 42.04 4.40
N GLU B 425 16.32 42.38 4.46
CA GLU B 425 17.03 42.51 5.75
C GLU B 425 16.35 43.55 6.63
N VAL B 426 16.36 43.31 7.94
CA VAL B 426 15.74 44.24 8.91
C VAL B 426 16.65 44.40 10.13
N VAL B 427 16.55 45.53 10.82
CA VAL B 427 17.40 45.77 11.98
C VAL B 427 16.69 46.12 13.28
N PHE B 428 17.31 45.72 14.39
CA PHE B 428 16.83 45.99 15.74
C PHE B 428 18.09 46.11 16.57
N GLU B 429 18.26 47.27 17.21
CA GLU B 429 19.41 47.55 18.05
C GLU B 429 20.75 47.11 17.50
N GLY B 430 21.19 47.79 16.44
CA GLY B 430 22.50 47.50 15.84
C GLY B 430 22.68 46.07 15.39
N VAL B 431 21.57 45.41 15.12
CA VAL B 431 21.59 44.03 14.67
C VAL B 431 20.59 43.82 13.54
N LYS B 432 21.11 43.42 12.38
CA LYS B 432 20.25 43.17 11.24
C LYS B 432 20.12 41.67 10.99
N MET B 433 18.88 41.22 10.82
CA MET B 433 18.59 39.82 10.53
C MET B 433 18.37 39.80 9.02
N LYS B 434 19.06 38.91 8.30
CA LYS B 434 18.86 38.82 6.86
C LYS B 434 17.47 38.20 6.62
N PRO B 435 16.90 38.37 5.41
CA PRO B 435 15.56 37.80 5.16
C PRO B 435 15.43 36.32 5.48
N TYR B 436 14.34 35.99 6.16
CA TYR B 436 13.98 34.64 6.58
C TYR B 436 14.93 33.99 7.60
N LYS B 437 15.88 34.76 8.12
CA LYS B 437 16.80 34.21 9.10
C LYS B 437 16.38 34.39 10.58
N THR B 438 16.99 33.58 11.44
CA THR B 438 16.74 33.58 12.89
C THR B 438 18.09 33.56 13.58
N GLU B 439 18.16 34.22 14.74
CA GLU B 439 19.41 34.29 15.51
C GLU B 439 19.07 34.43 16.98
N VAL B 440 19.73 33.65 17.83
CA VAL B 440 19.45 33.72 19.27
C VAL B 440 20.69 34.32 19.92
N VAL B 441 20.51 34.81 21.15
CA VAL B 441 21.61 35.41 21.89
C VAL B 441 21.44 35.21 23.39
CA CA C . -3.04 -9.64 6.15
CA CA D . 7.50 -5.38 6.94
#